data_3ZHC
#
_entry.id   3ZHC
#
_cell.length_a   121.510
_cell.length_b   121.510
_cell.length_c   129.110
_cell.angle_alpha   90.00
_cell.angle_beta   90.00
_cell.angle_gamma   120.00
#
_symmetry.space_group_name_H-M   'P 31 2 1'
#
loop_
_entity.id
_entity.type
_entity.pdbx_description
1 polymer PHYTASE
2 non-polymer 'FORMIC ACID'
3 non-polymer 'CHLORIDE ION'
4 water water
#
_entity_poly.entity_id   1
_entity_poly.type   'polypeptide(L)'
_entity_poly.pdbx_seq_one_letter_code
;MSTFIIRLLIFSLLCGSFSIHAEEQNGMKLERVVIVSRHGVRAPTKFTPIMKNVTPDQWPQWDVPLGWLTPRGGELVSEL
GQYQRLWFTSKGLLNNQTCPSPGQVAVIADTDQRTRKTGEAFLAGLAPKCQIQVHYQKDEEKNDPLFNPVKMGKCSFNTL
QVCNAILERAGGNIELYTQRYQSSFRTLENVLNFSQSETCKTTEKSTKCTLPEALPSELKCTPDNVSLPGAWSLSSTLTE
IFLLQEAQGMPQVAWGRITGEKEWRDLLSLHNAQFDLLQRTPEVARSRATPLLDMIDTALLTNGTTENRYGIKLPVSLLF
IAGHDTNLANLSGALDLNWSLPGQPDNTPPGGELVFEKWKRTSDNTDWVQVSFVYQTLRDMRDIQPLSLEKPAGKVDLKL
IACEEKNSQGMCSLKSFSRLIKEIRVPECAVTE
;
_entity_poly.pdbx_strand_id   A,B
#
# COMPACT_ATOMS: atom_id res chain seq x y z
N MET A 28 -25.19 0.69 36.30
CA MET A 28 -24.77 0.32 34.92
C MET A 28 -23.33 -0.24 34.90
N LYS A 29 -23.21 -1.56 34.65
CA LYS A 29 -21.93 -2.26 34.55
C LYS A 29 -21.76 -2.82 33.12
N LEU A 30 -20.69 -2.40 32.43
CA LEU A 30 -20.37 -2.86 31.06
C LEU A 30 -19.74 -4.25 31.14
N GLU A 31 -20.42 -5.26 30.56
CA GLU A 31 -19.97 -6.68 30.65
C GLU A 31 -19.46 -7.32 29.32
N ARG A 32 -20.05 -6.93 28.17
CA ARG A 32 -19.59 -7.43 26.84
C ARG A 32 -19.66 -6.33 25.79
N VAL A 33 -18.82 -6.47 24.75
CA VAL A 33 -18.78 -5.52 23.62
C VAL A 33 -18.48 -6.25 22.30
N VAL A 34 -19.20 -5.88 21.24
CA VAL A 34 -18.94 -6.36 19.87
C VAL A 34 -18.69 -5.14 19.01
N ILE A 35 -17.57 -5.14 18.28
CA ILE A 35 -17.20 -4.07 17.37
C ILE A 35 -17.11 -4.62 15.99
N VAL A 36 -17.81 -3.97 15.04
CA VAL A 36 -17.68 -4.26 13.63
C VAL A 36 -16.98 -3.03 13.05
N SER A 37 -15.77 -3.24 12.55
CA SER A 37 -14.93 -2.15 12.06
C SER A 37 -14.67 -2.26 10.58
N ARG A 38 -14.63 -1.11 9.92
CA ARG A 38 -14.12 -1.03 8.59
C ARG A 38 -12.61 -1.11 8.73
N HIS A 39 -11.97 -1.71 7.73
CA HIS A 39 -10.52 -1.71 7.62
C HIS A 39 -9.97 -0.26 7.59
N GLY A 40 -8.70 -0.11 7.93
CA GLY A 40 -8.06 1.21 7.95
C GLY A 40 -7.83 1.81 6.59
N VAL A 41 -7.09 2.92 6.55
CA VAL A 41 -6.78 3.60 5.28
C VAL A 41 -6.03 2.63 4.35
N ARG A 42 -6.50 2.55 3.10
CA ARG A 42 -5.96 1.65 2.10
C ARG A 42 -5.74 2.36 0.80
N ALA A 43 -4.93 1.74 -0.06
CA ALA A 43 -4.76 2.22 -1.42
C ALA A 43 -6.10 2.02 -2.17
N PRO A 44 -6.30 2.74 -3.30
CA PRO A 44 -7.54 2.52 -4.09
C PRO A 44 -7.70 1.06 -4.53
N THR A 45 -8.95 0.60 -4.69
CA THR A 45 -9.23 -0.81 -5.09
C THR A 45 -8.93 -1.09 -6.55
N LYS A 46 -8.85 -0.05 -7.38
CA LYS A 46 -8.58 -0.21 -8.79
C LYS A 46 -8.05 1.07 -9.43
N PHE A 47 -7.48 0.89 -10.61
CA PHE A 47 -6.98 1.98 -11.43
C PHE A 47 -7.30 1.64 -12.90
N THR A 48 -8.30 2.33 -13.47
CA THR A 48 -8.84 2.05 -14.81
C THR A 48 -8.63 3.22 -15.81
N PRO A 49 -8.70 2.93 -17.14
CA PRO A 49 -8.65 3.97 -18.20
C PRO A 49 -9.66 5.15 -18.02
N ILE A 50 -10.90 4.85 -17.60
CA ILE A 50 -11.91 5.91 -17.40
C ILE A 50 -11.46 6.90 -16.32
N MET A 51 -10.79 6.39 -15.28
CA MET A 51 -10.22 7.24 -14.22
C MET A 51 -9.18 8.22 -14.76
N LYS A 52 -8.36 7.76 -15.73
CA LYS A 52 -7.37 8.64 -16.38
C LYS A 52 -8.01 9.64 -17.34
N ASN A 53 -9.04 9.20 -18.06
CA ASN A 53 -9.67 10.04 -19.11
C ASN A 53 -10.64 11.09 -18.62
N VAL A 54 -11.11 11.00 -17.37
CA VAL A 54 -12.04 12.03 -16.82
C VAL A 54 -11.32 13.26 -16.18
N THR A 55 -9.99 13.29 -16.25
CA THR A 55 -9.18 14.42 -15.79
C THR A 55 -7.93 14.60 -16.70
N PRO A 56 -7.53 15.86 -16.99
CA PRO A 56 -6.27 16.08 -17.72
C PRO A 56 -5.01 15.89 -16.86
N ASP A 57 -5.18 15.87 -15.53
CA ASP A 57 -4.09 15.64 -14.60
C ASP A 57 -3.84 14.16 -14.36
N GLN A 58 -2.71 13.84 -13.77
CA GLN A 58 -2.35 12.47 -13.43
C GLN A 58 -2.63 12.19 -11.96
N TRP A 59 -3.13 10.97 -11.69
CA TRP A 59 -3.40 10.54 -10.31
C TRP A 59 -2.11 10.18 -9.58
N PRO A 60 -1.98 10.59 -8.29
CA PRO A 60 -0.81 10.17 -7.56
C PRO A 60 -0.80 8.66 -7.29
N GLN A 61 0.37 8.03 -7.40
CA GLN A 61 0.52 6.60 -7.16
C GLN A 61 0.78 6.31 -5.70
N TRP A 62 0.37 5.12 -5.29
CA TRP A 62 0.52 4.63 -3.94
C TRP A 62 1.65 3.61 -3.93
N ASP A 63 2.24 3.38 -2.74
CA ASP A 63 3.39 2.44 -2.60
C ASP A 63 3.06 1.10 -1.88
N VAL A 64 1.77 0.77 -1.83
CA VAL A 64 1.29 -0.54 -1.40
C VAL A 64 0.36 -1.03 -2.50
N PRO A 65 0.15 -2.37 -2.62
CA PRO A 65 -0.76 -2.86 -3.69
C PRO A 65 -2.19 -2.28 -3.57
N LEU A 66 -2.88 -2.22 -4.70
CA LEU A 66 -4.26 -1.74 -4.77
C LEU A 66 -5.14 -2.48 -3.76
N GLY A 67 -5.86 -1.73 -2.93
CA GLY A 67 -6.78 -2.30 -1.94
C GLY A 67 -6.13 -2.78 -0.63
N TRP A 68 -4.81 -2.62 -0.49
CA TRP A 68 -4.10 -3.04 0.72
C TRP A 68 -3.99 -1.89 1.69
N LEU A 69 -3.91 -2.23 2.97
CA LEU A 69 -3.77 -1.28 4.04
C LEU A 69 -2.39 -0.63 3.96
N THR A 70 -2.32 0.68 4.20
CA THR A 70 -1.03 1.36 4.30
C THR A 70 -0.57 1.22 5.73
N PRO A 71 0.77 1.31 5.98
CA PRO A 71 1.30 1.36 7.36
C PRO A 71 0.64 2.45 8.21
N ARG A 72 0.45 3.61 7.60
CA ARG A 72 -0.22 4.72 8.28
CA ARG A 72 -0.23 4.74 8.28
C ARG A 72 -1.68 4.39 8.60
N GLY A 73 -2.34 3.65 7.71
CA GLY A 73 -3.71 3.19 7.95
C GLY A 73 -3.72 2.29 9.19
N GLY A 74 -2.72 1.41 9.27
CA GLY A 74 -2.51 0.56 10.43
C GLY A 74 -2.29 1.36 11.71
N GLU A 75 -1.48 2.43 11.64
CA GLU A 75 -1.24 3.29 12.82
C GLU A 75 -2.54 3.96 13.28
N LEU A 76 -3.33 4.46 12.33
CA LEU A 76 -4.62 5.12 12.65
C LEU A 76 -5.59 4.18 13.36
N VAL A 77 -5.61 2.91 12.95
CA VAL A 77 -6.41 1.88 13.63
C VAL A 77 -5.84 1.60 15.04
N SER A 78 -4.50 1.55 15.18
CA SER A 78 -3.87 1.29 16.51
CA SER A 78 -3.86 1.32 16.51
C SER A 78 -4.25 2.41 17.50
N GLU A 79 -4.37 3.65 17.01
CA GLU A 79 -4.81 4.79 17.87
C GLU A 79 -6.23 4.53 18.41
N LEU A 80 -7.12 3.98 17.57
CA LEU A 80 -8.48 3.57 18.00
C LEU A 80 -8.39 2.41 19.01
N GLY A 81 -7.44 1.49 18.78
CA GLY A 81 -7.17 0.38 19.72
C GLY A 81 -6.70 0.87 21.09
N GLN A 82 -5.84 1.91 21.08
CA GLN A 82 -5.38 2.55 22.34
C GLN A 82 -6.53 3.23 23.06
N TYR A 83 -7.29 4.05 22.32
CA TYR A 83 -8.47 4.74 22.88
C TYR A 83 -9.45 3.76 23.55
N GLN A 84 -9.74 2.66 22.85
CA GLN A 84 -10.65 1.63 23.36
C GLN A 84 -10.10 0.89 24.58
N ARG A 85 -8.78 0.62 24.59
CA ARG A 85 -8.12 0.07 25.81
C ARG A 85 -8.37 0.99 27.01
N LEU A 86 -8.10 2.28 26.82
CA LEU A 86 -8.32 3.27 27.88
C LEU A 86 -9.79 3.34 28.29
N TRP A 87 -10.69 3.41 27.31
CA TRP A 87 -12.13 3.55 27.60
C TRP A 87 -12.71 2.29 28.27
N PHE A 88 -12.45 1.11 27.70
CA PHE A 88 -12.95 -0.16 28.26
C PHE A 88 -12.32 -0.51 29.62
N THR A 89 -11.09 -0.03 29.88
CA THR A 89 -10.43 -0.22 31.20
C THR A 89 -11.10 0.67 32.27
N SER A 90 -11.41 1.93 31.91
CA SER A 90 -12.10 2.87 32.84
C SER A 90 -13.51 2.40 33.23
N LYS A 91 -14.21 1.75 32.27
CA LYS A 91 -15.58 1.21 32.48
C LYS A 91 -15.61 -0.20 33.12
N GLY A 92 -14.43 -0.81 33.36
CA GLY A 92 -14.33 -2.13 34.04
C GLY A 92 -14.50 -3.39 33.18
N LEU A 93 -14.67 -3.21 31.85
CA LEU A 93 -14.81 -4.36 30.92
C LEU A 93 -13.53 -5.17 30.91
N LEU A 94 -12.41 -4.52 30.62
CA LEU A 94 -11.09 -5.12 30.65
C LEU A 94 -10.39 -4.66 31.93
N ASN A 95 -9.48 -5.49 32.43
CA ASN A 95 -8.75 -5.19 33.70
C ASN A 95 -7.56 -4.27 33.44
N ASN A 96 -7.23 -3.38 34.40
CA ASN A 96 -6.04 -2.50 34.27
C ASN A 96 -4.81 -3.40 34.42
N GLN A 97 -4.34 -3.90 33.28
CA GLN A 97 -3.36 -4.96 33.20
C GLN A 97 -2.55 -4.87 31.90
N THR A 98 -1.36 -5.50 31.89
CA THR A 98 -0.45 -5.47 30.71
C THR A 98 -1.08 -6.18 29.50
N CYS A 99 -1.48 -7.44 29.69
CA CYS A 99 -2.16 -8.24 28.65
C CYS A 99 -3.50 -8.76 29.17
N PRO A 100 -4.50 -8.94 28.26
CA PRO A 100 -5.80 -9.43 28.74
C PRO A 100 -5.75 -10.89 29.14
N SER A 101 -6.65 -11.28 30.06
CA SER A 101 -6.75 -12.67 30.51
C SER A 101 -7.34 -13.56 29.39
N PRO A 102 -7.14 -14.91 29.47
CA PRO A 102 -7.70 -15.81 28.44
C PRO A 102 -9.22 -15.68 28.28
N GLY A 103 -9.69 -15.66 27.03
CA GLY A 103 -11.11 -15.53 26.72
C GLY A 103 -11.75 -14.20 27.06
N GLN A 104 -10.94 -13.11 27.01
CA GLN A 104 -11.42 -11.73 27.22
C GLN A 104 -11.49 -10.95 25.89
N VAL A 105 -10.47 -11.12 25.04
CA VAL A 105 -10.39 -10.43 23.74
C VAL A 105 -10.22 -11.44 22.60
N ALA A 106 -11.14 -11.42 21.64
CA ALA A 106 -11.08 -12.24 20.41
C ALA A 106 -11.21 -11.35 19.18
N VAL A 107 -10.55 -11.75 18.07
CA VAL A 107 -10.55 -10.96 16.84
C VAL A 107 -10.86 -11.82 15.60
N ILE A 108 -11.82 -11.35 14.78
CA ILE A 108 -12.19 -11.98 13.52
C ILE A 108 -11.91 -10.97 12.41
N ALA A 109 -11.33 -11.44 11.32
CA ALA A 109 -11.06 -10.60 10.16
C ALA A 109 -11.46 -11.32 8.90
N ASP A 110 -11.87 -10.54 7.88
CA ASP A 110 -12.14 -11.07 6.55
C ASP A 110 -10.80 -11.49 5.93
N THR A 111 -10.85 -12.36 4.91
CA THR A 111 -9.64 -12.96 4.29
C THR A 111 -8.69 -11.97 3.61
N ASP A 112 -9.14 -10.76 3.32
CA ASP A 112 -8.29 -9.75 2.68
C ASP A 112 -7.20 -9.30 3.60
N GLN A 113 -6.08 -8.90 3.01
CA GLN A 113 -4.97 -8.37 3.76
C GLN A 113 -5.38 -7.13 4.55
N ARG A 114 -6.18 -6.25 3.92
CA ARG A 114 -6.59 -5.00 4.58
C ARG A 114 -7.37 -5.22 5.88
N THR A 115 -8.18 -6.27 5.96
CA THR A 115 -8.95 -6.58 7.17
C THR A 115 -8.09 -7.29 8.22
N ARG A 116 -7.32 -8.29 7.78
CA ARG A 116 -6.37 -9.02 8.69
C ARG A 116 -5.44 -8.04 9.38
N LYS A 117 -4.84 -7.16 8.58
CA LYS A 117 -3.91 -6.13 9.06
C LYS A 117 -4.62 -5.16 10.01
N THR A 118 -5.88 -4.84 9.73
CA THR A 118 -6.68 -3.97 10.59
C THR A 118 -6.90 -4.65 11.96
N GLY A 119 -7.15 -5.96 11.96
CA GLY A 119 -7.27 -6.75 13.21
C GLY A 119 -5.98 -6.67 14.02
N GLU A 120 -4.85 -6.94 13.34
CA GLU A 120 -3.50 -6.85 13.93
C GLU A 120 -3.18 -5.44 14.46
N ALA A 121 -3.40 -4.43 13.62
CA ALA A 121 -3.19 -3.01 14.00
C ALA A 121 -4.03 -2.63 15.22
N PHE A 122 -5.28 -3.09 15.26
CA PHE A 122 -6.17 -2.83 16.41
C PHE A 122 -5.59 -3.44 17.71
N LEU A 123 -5.14 -4.70 17.63
CA LEU A 123 -4.45 -5.38 18.76
C LEU A 123 -3.12 -4.68 19.12
N ALA A 124 -2.42 -4.15 18.12
CA ALA A 124 -1.17 -3.37 18.36
C ALA A 124 -1.40 -2.12 19.29
N GLY A 125 -2.63 -1.61 19.29
CA GLY A 125 -3.04 -0.50 20.16
C GLY A 125 -3.75 -0.97 21.43
N LEU A 126 -4.61 -2.00 21.29
CA LEU A 126 -5.36 -2.56 22.43
C LEU A 126 -4.45 -3.34 23.38
N ALA A 127 -3.68 -4.29 22.83
CA ALA A 127 -2.83 -5.21 23.62
C ALA A 127 -1.48 -5.39 22.93
N PRO A 128 -0.63 -4.32 22.94
CA PRO A 128 0.65 -4.42 22.24
C PRO A 128 1.52 -5.55 22.77
N LYS A 129 2.03 -6.38 21.84
CA LYS A 129 2.95 -7.49 22.13
C LYS A 129 2.33 -8.66 22.95
N CYS A 130 0.98 -8.72 23.04
CA CYS A 130 0.27 -9.78 23.81
C CYS A 130 0.01 -11.05 23.00
N GLN A 131 0.33 -11.02 21.69
CA GLN A 131 0.21 -12.20 20.78
C GLN A 131 -1.24 -12.76 20.62
N ILE A 132 -2.23 -11.87 20.74
CA ILE A 132 -3.64 -12.24 20.55
C ILE A 132 -3.77 -12.56 19.06
N GLN A 133 -4.41 -13.66 18.74
CA GLN A 133 -4.53 -14.12 17.35
C GLN A 133 -5.62 -13.36 16.60
N VAL A 134 -5.43 -13.22 15.28
CA VAL A 134 -6.45 -12.68 14.40
C VAL A 134 -7.02 -13.89 13.65
N HIS A 135 -8.27 -14.24 13.95
CA HIS A 135 -8.93 -15.39 13.28
C HIS A 135 -9.46 -15.00 11.91
N TYR A 136 -9.33 -15.91 10.95
CA TYR A 136 -9.84 -15.73 9.59
C TYR A 136 -9.90 -17.09 8.87
N GLN A 137 -10.63 -17.16 7.75
CA GLN A 137 -10.71 -18.41 6.95
C GLN A 137 -9.40 -18.67 6.17
N LYS A 138 -8.73 -19.79 6.48
CA LYS A 138 -7.44 -20.14 5.87
C LYS A 138 -7.60 -20.63 4.41
N LYS A 142 -13.82 -11.39 -0.42
CA LYS A 142 -13.17 -12.25 -1.43
C LYS A 142 -13.34 -13.78 -1.21
N ASN A 143 -13.61 -14.20 0.04
CA ASN A 143 -13.75 -15.65 0.34
C ASN A 143 -14.66 -15.99 1.59
N ASP A 144 -14.54 -15.22 2.70
CA ASP A 144 -15.32 -15.50 3.93
C ASP A 144 -16.81 -15.05 3.81
N PRO A 145 -17.77 -16.03 3.88
CA PRO A 145 -19.21 -15.67 3.77
C PRO A 145 -19.84 -14.83 4.95
N LEU A 146 -19.11 -14.66 6.06
CA LEU A 146 -19.56 -13.76 7.16
C LEU A 146 -19.72 -12.33 6.68
N PHE A 147 -18.81 -11.92 5.79
CA PHE A 147 -18.75 -10.57 5.26
C PHE A 147 -19.43 -10.43 3.88
N ASN A 148 -19.60 -11.56 3.16
CA ASN A 148 -20.22 -11.55 1.83
C ASN A 148 -21.11 -12.83 1.55
N PRO A 149 -22.23 -13.01 2.30
CA PRO A 149 -23.06 -14.25 2.16
C PRO A 149 -23.72 -14.44 0.78
N VAL A 150 -24.09 -13.33 0.13
CA VAL A 150 -24.74 -13.37 -1.18
C VAL A 150 -23.71 -13.71 -2.28
N LYS A 151 -22.58 -12.97 -2.28
CA LYS A 151 -21.46 -13.20 -3.25
C LYS A 151 -20.88 -14.62 -3.21
N MET A 152 -20.68 -15.16 -2.01
CA MET A 152 -20.14 -16.54 -1.86
C MET A 152 -21.18 -17.66 -2.23
N GLY A 153 -22.46 -17.30 -2.33
CA GLY A 153 -23.49 -18.23 -2.81
C GLY A 153 -24.28 -18.97 -1.77
N LYS A 154 -24.32 -18.44 -0.53
CA LYS A 154 -25.18 -19.00 0.55
C LYS A 154 -26.64 -18.79 0.11
N CYS A 155 -26.95 -17.51 -0.18
CA CYS A 155 -28.23 -17.04 -0.65
C CYS A 155 -28.02 -16.16 -1.88
N SER A 156 -29.12 -15.66 -2.46
CA SER A 156 -29.06 -14.75 -3.62
C SER A 156 -30.16 -13.69 -3.56
N PHE A 157 -29.97 -12.61 -4.32
CA PHE A 157 -30.95 -11.55 -4.41
C PHE A 157 -32.02 -11.94 -5.40
N ASN A 158 -33.29 -11.67 -5.05
CA ASN A 158 -34.35 -11.68 -6.05
C ASN A 158 -34.08 -10.37 -6.78
N THR A 159 -33.49 -10.51 -7.99
CA THR A 159 -33.00 -9.35 -8.76
C THR A 159 -34.05 -8.26 -9.03
N LEU A 160 -35.27 -8.66 -9.38
CA LEU A 160 -36.38 -7.70 -9.62
C LEU A 160 -36.77 -6.94 -8.36
N GLN A 161 -36.95 -7.66 -7.26
CA GLN A 161 -37.36 -7.03 -5.97
C GLN A 161 -36.32 -6.06 -5.44
N VAL A 162 -35.05 -6.47 -5.51
CA VAL A 162 -33.92 -5.63 -5.11
C VAL A 162 -33.82 -4.38 -6.01
N CYS A 163 -33.84 -4.58 -7.34
CA CYS A 163 -33.77 -3.44 -8.30
C CYS A 163 -34.95 -2.47 -8.14
N ASN A 164 -36.15 -3.02 -7.97
CA ASN A 164 -37.36 -2.21 -7.76
C ASN A 164 -37.25 -1.37 -6.46
N ALA A 165 -36.85 -2.02 -5.35
CA ALA A 165 -36.68 -1.33 -4.06
C ALA A 165 -35.68 -0.18 -4.21
N ILE A 166 -34.53 -0.47 -4.84
CA ILE A 166 -33.48 0.55 -5.09
C ILE A 166 -34.02 1.72 -5.94
N LEU A 167 -34.63 1.39 -7.10
CA LEU A 167 -35.20 2.42 -8.00
C LEU A 167 -36.23 3.35 -7.27
N GLU A 168 -37.07 2.78 -6.39
CA GLU A 168 -37.99 3.58 -5.55
C GLU A 168 -37.24 4.51 -4.58
N ARG A 169 -36.14 4.04 -4.02
CA ARG A 169 -35.29 4.89 -3.14
C ARG A 169 -34.57 5.95 -3.96
N ALA A 170 -34.22 5.61 -5.21
CA ALA A 170 -33.62 6.57 -6.15
C ALA A 170 -34.59 7.70 -6.60
N GLY A 171 -35.90 7.59 -6.27
CA GLY A 171 -36.92 8.54 -6.68
C GLY A 171 -37.68 8.09 -7.95
N GLY A 172 -37.49 6.82 -8.36
CA GLY A 172 -38.16 6.26 -9.57
C GLY A 172 -37.17 5.70 -10.56
N ASN A 173 -36.10 6.46 -10.81
CA ASN A 173 -34.99 6.03 -11.68
C ASN A 173 -33.68 6.79 -11.34
N ILE A 174 -32.59 6.43 -12.01
CA ILE A 174 -31.26 6.99 -11.69
C ILE A 174 -31.17 8.50 -12.06
N GLU A 175 -31.81 8.91 -13.17
CA GLU A 175 -31.86 10.35 -13.59
C GLU A 175 -32.48 11.26 -12.55
N LEU A 176 -33.53 10.79 -11.89
CA LEU A 176 -34.18 11.56 -10.82
C LEU A 176 -33.21 11.71 -9.61
N TYR A 177 -32.48 10.62 -9.30
CA TYR A 177 -31.47 10.63 -8.22
C TYR A 177 -30.33 11.59 -8.56
N THR A 178 -29.88 11.58 -9.83
CA THR A 178 -28.85 12.52 -10.32
C THR A 178 -29.25 13.98 -10.05
N GLN A 179 -30.51 14.33 -10.35
CA GLN A 179 -31.06 15.68 -10.10
C GLN A 179 -30.98 16.14 -8.64
N ARG A 180 -31.05 15.19 -7.70
CA ARG A 180 -30.92 15.51 -6.26
C ARG A 180 -29.46 15.80 -5.80
N TYR A 181 -28.47 15.50 -6.68
CA TYR A 181 -27.03 15.70 -6.37
C TYR A 181 -26.29 16.46 -7.49
N GLN A 182 -26.99 17.39 -8.14
CA GLN A 182 -26.40 18.18 -9.24
C GLN A 182 -25.19 18.99 -8.79
N SER A 183 -25.33 19.73 -7.69
CA SER A 183 -24.24 20.56 -7.18
C SER A 183 -23.02 19.68 -6.87
N SER A 184 -23.26 18.54 -6.21
CA SER A 184 -22.20 17.54 -5.93
C SER A 184 -21.44 17.12 -7.20
N PHE A 185 -22.18 16.84 -8.28
CA PHE A 185 -21.54 16.48 -9.58
C PHE A 185 -20.74 17.66 -10.18
N ARG A 186 -21.26 18.90 -10.04
CA ARG A 186 -20.54 20.12 -10.48
C ARG A 186 -19.22 20.29 -9.73
N THR A 187 -19.25 20.06 -8.41
CA THR A 187 -18.05 20.15 -7.55
C THR A 187 -16.99 19.12 -7.98
N LEU A 188 -17.42 17.88 -8.24
CA LEU A 188 -16.49 16.81 -8.70
C LEU A 188 -15.85 17.15 -10.06
N GLU A 189 -16.68 17.65 -10.99
CA GLU A 189 -16.20 18.07 -12.32
C GLU A 189 -15.16 19.19 -12.24
N ASN A 190 -15.34 20.12 -11.30
CA ASN A 190 -14.38 21.19 -11.05
C ASN A 190 -13.07 20.62 -10.47
N VAL A 191 -13.20 19.71 -9.49
CA VAL A 191 -12.02 19.04 -8.87
C VAL A 191 -11.22 18.26 -9.93
N LEU A 192 -11.92 17.60 -10.85
CA LEU A 192 -11.29 16.83 -11.94
C LEU A 192 -10.79 17.68 -13.11
N ASN A 193 -11.21 18.96 -13.19
CA ASN A 193 -11.01 19.80 -14.36
C ASN A 193 -11.57 19.04 -15.60
N PHE A 194 -12.78 18.51 -15.42
CA PHE A 194 -13.49 17.64 -16.38
C PHE A 194 -13.60 18.23 -17.80
N SER A 195 -13.82 19.56 -17.88
CA SER A 195 -13.87 20.31 -19.17
C SER A 195 -12.70 20.02 -20.09
N GLN A 196 -11.49 19.97 -19.52
CA GLN A 196 -10.26 19.75 -20.30
C GLN A 196 -9.82 18.26 -20.39
N SER A 197 -10.72 17.33 -20.08
CA SER A 197 -10.38 15.90 -20.07
C SER A 197 -10.63 15.23 -21.44
N GLU A 198 -9.94 14.10 -21.66
CA GLU A 198 -10.09 13.24 -22.85
C GLU A 198 -11.57 12.82 -23.09
N THR A 199 -12.31 12.63 -21.99
CA THR A 199 -13.73 12.23 -22.05
C THR A 199 -14.65 13.32 -22.68
N CYS A 200 -14.40 14.61 -22.37
CA CYS A 200 -15.20 15.73 -22.94
CA CYS A 200 -15.21 15.72 -22.96
C CYS A 200 -14.88 16.00 -24.43
N LYS A 201 -13.62 15.76 -24.84
CA LYS A 201 -13.19 16.00 -26.24
C LYS A 201 -13.72 14.96 -27.24
N LYS A 208 -21.41 22.17 -23.59
CA LYS A 208 -21.15 22.05 -22.16
C LYS A 208 -21.28 20.57 -21.72
N CYS A 209 -20.18 19.99 -21.22
CA CYS A 209 -20.14 18.55 -20.83
C CYS A 209 -20.16 18.36 -19.32
N THR A 210 -20.88 17.31 -18.86
CA THR A 210 -20.99 16.94 -17.45
C THR A 210 -20.82 15.42 -17.30
N LEU A 211 -20.47 14.98 -16.08
CA LEU A 211 -20.26 13.54 -15.78
C LEU A 211 -21.51 12.67 -16.04
N PRO A 212 -22.70 13.07 -15.52
CA PRO A 212 -23.91 12.27 -15.77
C PRO A 212 -24.33 12.22 -17.24
N GLU A 213 -24.05 13.30 -17.98
CA GLU A 213 -24.36 13.38 -19.40
C GLU A 213 -23.38 12.55 -20.22
N ALA A 214 -22.07 12.74 -19.97
CA ALA A 214 -21.01 12.01 -20.68
C ALA A 214 -20.93 10.52 -20.31
N LEU A 215 -21.28 10.18 -19.05
CA LEU A 215 -21.28 8.79 -18.56
C LEU A 215 -22.64 8.45 -17.92
N PRO A 216 -23.67 8.12 -18.76
CA PRO A 216 -24.99 7.82 -18.22
C PRO A 216 -24.96 6.58 -17.32
N SER A 217 -25.67 6.66 -16.21
CA SER A 217 -25.71 5.60 -15.24
C SER A 217 -26.95 4.73 -15.42
N GLU A 218 -26.79 3.42 -15.22
CA GLU A 218 -27.93 2.48 -15.20
C GLU A 218 -27.75 1.48 -14.07
N LEU A 219 -28.87 1.11 -13.44
CA LEU A 219 -28.84 0.14 -12.34
C LEU A 219 -28.67 -1.26 -12.92
N LYS A 220 -27.83 -2.06 -12.27
CA LYS A 220 -27.56 -3.44 -12.66
C LYS A 220 -27.68 -4.31 -11.43
N CYS A 221 -28.66 -5.22 -11.43
CA CYS A 221 -28.84 -6.19 -10.34
C CYS A 221 -28.66 -7.60 -10.92
N THR A 222 -27.74 -8.34 -10.30
CA THR A 222 -27.49 -9.73 -10.60
C THR A 222 -27.74 -10.51 -9.30
N PRO A 223 -27.86 -11.87 -9.37
CA PRO A 223 -28.16 -12.66 -8.16
C PRO A 223 -27.19 -12.48 -6.98
N ASP A 224 -25.93 -12.11 -7.26
CA ASP A 224 -24.90 -11.89 -6.21
C ASP A 224 -24.40 -10.42 -6.01
N ASN A 225 -24.88 -9.47 -6.84
CA ASN A 225 -24.41 -8.08 -6.72
C ASN A 225 -25.34 -7.03 -7.38
N VAL A 226 -25.29 -5.81 -6.85
CA VAL A 226 -25.98 -4.65 -7.40
C VAL A 226 -24.91 -3.59 -7.70
N SER A 227 -25.12 -2.82 -8.77
CA SER A 227 -24.18 -1.74 -9.14
C SER A 227 -24.84 -0.66 -10.01
N LEU A 228 -24.13 0.48 -10.10
CA LEU A 228 -24.54 1.66 -10.86
C LEU A 228 -23.45 2.07 -11.87
N PRO A 229 -23.12 1.17 -12.85
CA PRO A 229 -22.08 1.53 -13.85
C PRO A 229 -22.43 2.84 -14.54
N GLY A 230 -21.42 3.70 -14.71
CA GLY A 230 -21.62 5.05 -15.28
C GLY A 230 -21.02 6.08 -14.33
N ALA A 231 -21.56 7.31 -14.38
CA ALA A 231 -21.02 8.41 -13.56
C ALA A 231 -21.19 8.20 -12.06
N TRP A 232 -22.27 7.53 -11.65
CA TRP A 232 -22.48 7.21 -10.21
C TRP A 232 -21.38 6.29 -9.64
N SER A 233 -21.15 5.13 -10.28
CA SER A 233 -20.09 4.18 -9.85
C SER A 233 -18.74 4.89 -9.75
N LEU A 234 -18.37 5.58 -10.84
CA LEU A 234 -17.11 6.30 -10.94
C LEU A 234 -16.95 7.35 -9.82
N SER A 235 -17.96 8.22 -9.66
CA SER A 235 -17.92 9.29 -8.65
CA SER A 235 -17.93 9.30 -8.65
C SER A 235 -17.82 8.76 -7.23
N SER A 236 -18.50 7.65 -6.97
CA SER A 236 -18.43 7.00 -5.67
C SER A 236 -17.00 6.51 -5.38
N THR A 237 -16.32 5.99 -6.42
CA THR A 237 -14.95 5.53 -6.30
C THR A 237 -13.97 6.71 -6.22
N LEU A 238 -14.10 7.72 -7.10
CA LEU A 238 -13.16 8.87 -7.09
C LEU A 238 -13.21 9.70 -5.79
N THR A 239 -14.40 9.96 -5.27
CA THR A 239 -14.54 10.76 -4.03
C THR A 239 -13.98 10.01 -2.79
N GLU A 240 -14.11 8.66 -2.77
CA GLU A 240 -13.47 7.85 -1.71
C GLU A 240 -11.95 7.92 -1.87
N ILE A 241 -11.45 7.89 -3.11
CA ILE A 241 -10.00 8.02 -3.36
C ILE A 241 -9.47 9.33 -2.75
N PHE A 242 -10.17 10.46 -2.99
CA PHE A 242 -9.73 11.76 -2.43
C PHE A 242 -9.67 11.70 -0.90
N LEU A 243 -10.69 11.07 -0.29
CA LEU A 243 -10.71 10.94 1.18
C LEU A 243 -9.52 10.08 1.69
N LEU A 244 -9.27 8.95 1.03
CA LEU A 244 -8.14 8.08 1.37
C LEU A 244 -6.82 8.83 1.19
N GLN A 245 -6.67 9.60 0.09
CA GLN A 245 -5.47 10.45 -0.13
C GLN A 245 -5.23 11.42 1.03
N GLU A 246 -6.29 12.09 1.46
CA GLU A 246 -6.26 13.04 2.59
C GLU A 246 -5.94 12.34 3.93
N ALA A 247 -6.63 11.23 4.17
CA ALA A 247 -6.42 10.44 5.39
C ALA A 247 -5.04 9.78 5.42
N GLN A 248 -4.47 9.51 4.23
CA GLN A 248 -3.11 8.98 4.08
C GLN A 248 -2.01 10.06 4.28
N GLY A 249 -2.41 11.34 4.27
CA GLY A 249 -1.49 12.44 4.42
C GLY A 249 -0.65 12.71 3.20
N MET A 250 -1.21 12.46 2.01
CA MET A 250 -0.48 12.72 0.76
C MET A 250 -0.32 14.24 0.58
N PRO A 251 0.81 14.68 -0.04
CA PRO A 251 1.05 16.11 -0.22
C PRO A 251 0.06 16.80 -1.15
N GLN A 252 -0.30 16.12 -2.25
CA GLN A 252 -1.23 16.64 -3.27
CA GLN A 252 -1.22 16.65 -3.25
C GLN A 252 -2.52 15.82 -3.29
N VAL A 253 -3.55 16.30 -2.55
CA VAL A 253 -4.88 15.66 -2.46
C VAL A 253 -5.83 16.29 -3.46
N ALA A 254 -6.31 15.49 -4.43
CA ALA A 254 -7.23 15.97 -5.49
C ALA A 254 -6.69 17.22 -6.22
N TRP A 255 -5.38 17.19 -6.51
CA TRP A 255 -4.66 18.28 -7.17
C TRP A 255 -4.82 19.63 -6.46
N GLY A 256 -5.06 19.56 -5.14
CA GLY A 256 -5.30 20.71 -4.32
C GLY A 256 -6.60 21.47 -4.59
N ARG A 257 -7.58 20.88 -5.33
CA ARG A 257 -8.86 21.58 -5.71
C ARG A 257 -10.11 21.32 -4.81
N ILE A 258 -9.95 20.66 -3.66
CA ILE A 258 -11.08 20.46 -2.72
C ILE A 258 -10.99 21.56 -1.67
N THR A 259 -11.85 22.59 -1.82
CA THR A 259 -11.82 23.80 -0.96
C THR A 259 -12.98 23.89 0.05
N GLY A 260 -12.64 23.73 1.33
CA GLY A 260 -13.61 23.85 2.43
C GLY A 260 -14.33 22.54 2.71
N GLU A 261 -14.83 22.40 3.96
CA GLU A 261 -15.60 21.21 4.35
CA GLU A 261 -15.61 21.21 4.34
C GLU A 261 -16.87 21.07 3.51
N LYS A 262 -17.42 22.20 3.06
CA LYS A 262 -18.60 22.21 2.17
C LYS A 262 -18.36 21.38 0.92
N GLU A 263 -17.19 21.55 0.30
CA GLU A 263 -16.83 20.78 -0.91
C GLU A 263 -16.53 19.30 -0.59
N TRP A 264 -15.94 19.04 0.59
CA TRP A 264 -15.73 17.64 1.06
C TRP A 264 -17.08 16.91 1.19
N ARG A 265 -18.04 17.58 1.82
CA ARG A 265 -19.39 17.06 2.02
C ARG A 265 -20.13 16.84 0.71
N ASP A 266 -20.07 17.83 -0.18
CA ASP A 266 -20.66 17.70 -1.52
C ASP A 266 -20.08 16.50 -2.30
N LEU A 267 -18.75 16.36 -2.28
CA LEU A 267 -18.07 15.25 -3.00
C LEU A 267 -18.47 13.87 -2.44
N LEU A 268 -18.33 13.69 -1.14
CA LEU A 268 -18.63 12.39 -0.50
C LEU A 268 -20.13 12.05 -0.35
N SER A 269 -21.01 13.04 -0.54
CA SER A 269 -22.46 12.81 -0.66
C SER A 269 -22.77 11.87 -1.83
N LEU A 270 -21.97 11.95 -2.89
CA LEU A 270 -22.06 11.03 -4.04
C LEU A 270 -21.68 9.61 -3.61
N HIS A 271 -20.56 9.48 -2.88
CA HIS A 271 -20.12 8.21 -2.33
C HIS A 271 -21.18 7.65 -1.37
N ASN A 272 -21.62 8.51 -0.44
CA ASN A 272 -22.60 8.12 0.56
C ASN A 272 -23.98 7.76 -0.05
N ALA A 273 -24.42 8.53 -1.05
CA ALA A 273 -25.70 8.24 -1.76
C ALA A 273 -25.68 6.88 -2.46
N GLN A 274 -24.54 6.53 -3.09
CA GLN A 274 -24.37 5.17 -3.70
C GLN A 274 -24.51 4.05 -2.68
N PHE A 275 -23.77 4.18 -1.59
CA PHE A 275 -23.82 3.19 -0.50
C PHE A 275 -25.21 3.11 0.16
N ASP A 276 -25.95 4.22 0.16
CA ASP A 276 -27.32 4.24 0.67
C ASP A 276 -28.19 3.34 -0.21
N LEU A 277 -28.15 3.57 -1.52
CA LEU A 277 -28.93 2.77 -2.48
C LEU A 277 -28.44 1.32 -2.59
N LEU A 278 -27.14 1.14 -2.84
CA LEU A 278 -26.58 -0.18 -3.13
C LEU A 278 -26.35 -1.08 -1.92
N GLN A 279 -26.21 -0.50 -0.71
CA GLN A 279 -25.90 -1.28 0.51
C GLN A 279 -26.85 -1.09 1.68
N ARG A 280 -27.41 0.11 1.86
CA ARG A 280 -28.36 0.32 2.99
C ARG A 280 -29.83 -0.08 2.67
N THR A 281 -30.19 -0.15 1.37
CA THR A 281 -31.57 -0.56 0.98
C THR A 281 -31.87 -1.92 1.66
N PRO A 282 -32.90 -1.96 2.56
CA PRO A 282 -33.24 -3.19 3.36
C PRO A 282 -33.24 -4.51 2.58
N GLU A 283 -33.76 -4.48 1.34
CA GLU A 283 -33.80 -5.69 0.50
C GLU A 283 -32.38 -6.25 0.16
N VAL A 284 -31.37 -5.37 0.17
CA VAL A 284 -29.99 -5.76 0.01
C VAL A 284 -29.40 -6.02 1.40
N ALA A 285 -29.50 -5.00 2.26
CA ALA A 285 -28.87 -4.96 3.59
C ALA A 285 -29.17 -6.13 4.53
N ARG A 286 -30.45 -6.50 4.64
CA ARG A 286 -30.88 -7.58 5.56
C ARG A 286 -30.26 -8.93 5.23
N SER A 287 -30.13 -9.24 3.93
CA SER A 287 -29.47 -10.48 3.49
C SER A 287 -27.98 -10.42 3.78
N ARG A 288 -27.31 -9.41 3.22
CA ARG A 288 -25.84 -9.24 3.39
C ARG A 288 -25.39 -9.10 4.85
N ALA A 289 -26.20 -8.46 5.68
CA ALA A 289 -25.87 -8.28 7.12
C ALA A 289 -26.26 -9.46 8.05
N THR A 290 -26.96 -10.48 7.52
CA THR A 290 -27.47 -11.61 8.36
C THR A 290 -26.36 -12.36 9.16
N PRO A 291 -25.28 -12.84 8.49
CA PRO A 291 -24.16 -13.49 9.23
C PRO A 291 -23.59 -12.64 10.39
N LEU A 292 -23.34 -11.35 10.11
CA LEU A 292 -22.84 -10.42 11.15
C LEU A 292 -23.86 -10.20 12.26
N LEU A 293 -25.14 -10.03 11.90
CA LEU A 293 -26.22 -9.88 12.89
C LEU A 293 -26.28 -11.10 13.83
N ASP A 294 -26.21 -12.31 13.23
CA ASP A 294 -26.19 -13.59 14.00
C ASP A 294 -25.01 -13.69 14.96
N MET A 295 -23.82 -13.28 14.49
CA MET A 295 -22.58 -13.28 15.30
C MET A 295 -22.69 -12.30 16.46
N ILE A 296 -23.21 -11.10 16.17
CA ILE A 296 -23.42 -10.07 17.22
C ILE A 296 -24.41 -10.61 18.26
N ASP A 297 -25.50 -11.23 17.78
CA ASP A 297 -26.54 -11.82 18.65
C ASP A 297 -25.96 -12.90 19.56
N THR A 298 -25.30 -13.90 18.95
CA THR A 298 -24.66 -15.01 19.70
C THR A 298 -23.64 -14.51 20.74
N ALA A 299 -22.82 -13.53 20.37
CA ALA A 299 -21.77 -12.98 21.26
C ALA A 299 -22.34 -12.26 22.50
N LEU A 300 -23.51 -11.64 22.36
CA LEU A 300 -24.17 -10.90 23.46
C LEU A 300 -25.19 -11.75 24.28
N LEU A 301 -25.73 -12.83 23.70
CA LEU A 301 -26.79 -13.66 24.37
C LEU A 301 -26.33 -14.97 25.05
N THR A 302 -25.33 -15.65 24.50
CA THR A 302 -24.90 -16.97 25.06
C THR A 302 -24.24 -16.88 26.42
N ASN A 303 -24.25 -18.02 27.12
CA ASN A 303 -23.56 -18.21 28.40
C ASN A 303 -22.31 -19.09 28.25
N GLY A 304 -22.13 -19.71 27.06
CA GLY A 304 -21.00 -20.59 26.83
C GLY A 304 -21.17 -21.48 25.60
N THR A 305 -20.41 -21.17 24.54
CA THR A 305 -20.38 -21.98 23.31
C THR A 305 -19.04 -21.81 22.61
N THR A 306 -18.57 -22.88 21.97
CA THR A 306 -17.38 -22.82 21.13
C THR A 306 -17.92 -22.60 19.73
N GLU A 307 -17.80 -21.37 19.25
CA GLU A 307 -18.27 -20.96 17.91
C GLU A 307 -17.58 -21.86 16.81
N ASN A 308 -18.41 -22.45 15.93
CA ASN A 308 -17.98 -23.57 15.02
C ASN A 308 -17.17 -23.27 13.73
N ARG A 309 -17.00 -22.01 13.34
CA ARG A 309 -16.26 -21.68 12.07
C ARG A 309 -14.82 -21.17 12.29
N TYR A 310 -14.63 -20.31 13.30
CA TYR A 310 -13.30 -19.75 13.65
C TYR A 310 -12.68 -20.44 14.90
N GLY A 311 -13.52 -21.14 15.69
CA GLY A 311 -13.08 -21.83 16.90
C GLY A 311 -12.91 -20.92 18.10
N ILE A 312 -13.69 -19.84 18.17
CA ILE A 312 -13.63 -18.88 19.28
C ILE A 312 -14.58 -19.32 20.37
N LYS A 313 -14.09 -19.31 21.61
CA LYS A 313 -14.89 -19.69 22.75
C LYS A 313 -15.57 -18.43 23.26
N LEU A 314 -16.88 -18.34 22.99
CA LEU A 314 -17.71 -17.21 23.43
C LEU A 314 -18.38 -17.58 24.77
N PRO A 315 -18.69 -16.57 25.61
CA PRO A 315 -18.53 -15.15 25.40
C PRO A 315 -17.13 -14.61 25.74
N VAL A 316 -16.75 -13.53 25.04
CA VAL A 316 -15.53 -12.77 25.31
C VAL A 316 -15.99 -11.40 25.77
N SER A 317 -15.10 -10.68 26.46
CA SER A 317 -15.42 -9.29 26.89
C SER A 317 -15.46 -8.35 25.67
N LEU A 318 -14.54 -8.58 24.71
CA LEU A 318 -14.46 -7.76 23.48
C LEU A 318 -14.25 -8.63 22.25
N LEU A 319 -15.22 -8.58 21.32
CA LEU A 319 -15.12 -9.23 20.03
C LEU A 319 -14.96 -8.12 18.97
N PHE A 320 -13.80 -8.10 18.31
CA PHE A 320 -13.48 -7.14 17.26
C PHE A 320 -13.62 -7.85 15.93
N ILE A 321 -14.40 -7.27 15.01
CA ILE A 321 -14.64 -7.86 13.69
C ILE A 321 -14.20 -6.86 12.60
N ALA A 322 -13.19 -7.24 11.81
CA ALA A 322 -12.60 -6.40 10.74
C ALA A 322 -13.27 -6.67 9.39
N GLY A 323 -14.15 -5.75 8.98
CA GLY A 323 -14.89 -5.85 7.72
C GLY A 323 -14.62 -4.69 6.79
N HIS A 324 -15.64 -4.35 5.99
CA HIS A 324 -15.54 -3.29 5.00
C HIS A 324 -16.65 -2.27 5.18
N ASP A 325 -16.53 -1.16 4.44
CA ASP A 325 -17.58 -0.09 4.43
C ASP A 325 -18.94 -0.64 4.00
N THR A 326 -18.93 -1.61 3.06
CA THR A 326 -20.15 -2.29 2.63
C THR A 326 -20.85 -2.98 3.81
N ASN A 327 -20.08 -3.58 4.73
CA ASN A 327 -20.67 -4.25 5.92
C ASN A 327 -21.30 -3.28 6.89
N LEU A 328 -20.65 -2.13 7.13
CA LEU A 328 -21.22 -1.08 8.01
C LEU A 328 -22.54 -0.52 7.43
N ALA A 329 -22.55 -0.32 6.11
CA ALA A 329 -23.78 0.12 5.42
C ALA A 329 -24.90 -0.92 5.53
N ASN A 330 -24.56 -2.21 5.34
CA ASN A 330 -25.55 -3.30 5.45
C ASN A 330 -26.18 -3.32 6.84
N LEU A 331 -25.33 -3.29 7.86
CA LEU A 331 -25.80 -3.28 9.27
C LEU A 331 -26.65 -2.05 9.58
N SER A 332 -26.23 -0.90 9.03
CA SER A 332 -26.95 0.37 9.16
C SER A 332 -28.35 0.32 8.53
N GLY A 333 -28.43 -0.26 7.34
CA GLY A 333 -29.69 -0.42 6.62
C GLY A 333 -30.65 -1.39 7.30
N ALA A 334 -30.11 -2.55 7.69
CA ALA A 334 -30.88 -3.61 8.33
C ALA A 334 -31.41 -3.20 9.71
N LEU A 335 -30.60 -2.45 10.46
CA LEU A 335 -30.95 -1.98 11.81
C LEU A 335 -31.60 -0.59 11.81
N ASP A 336 -31.76 0.02 10.63
CA ASP A 336 -32.40 1.33 10.47
C ASP A 336 -31.68 2.43 11.30
N LEU A 337 -30.34 2.34 11.33
CA LEU A 337 -29.50 3.29 12.02
C LEU A 337 -29.04 4.29 11.01
N ASN A 338 -29.38 5.56 11.22
CA ASN A 338 -28.88 6.66 10.41
C ASN A 338 -27.98 7.51 11.27
N TRP A 339 -26.89 7.96 10.67
CA TRP A 339 -25.93 8.81 11.34
C TRP A 339 -25.20 9.68 10.34
N SER A 340 -24.71 10.80 10.84
CA SER A 340 -23.81 11.67 10.12
C SER A 340 -22.64 11.85 11.08
N LEU A 341 -21.42 11.87 10.56
CA LEU A 341 -20.22 11.91 11.40
C LEU A 341 -19.60 13.29 11.39
N PRO A 342 -19.74 14.07 12.50
CA PRO A 342 -19.10 15.39 12.59
C PRO A 342 -17.59 15.34 12.28
N GLY A 343 -17.14 16.20 11.35
CA GLY A 343 -15.75 16.26 10.93
C GLY A 343 -15.26 15.12 10.01
N GLN A 344 -16.16 14.19 9.63
CA GLN A 344 -15.81 13.03 8.82
C GLN A 344 -16.83 12.84 7.66
N PRO A 345 -16.50 13.34 6.43
CA PRO A 345 -17.36 13.28 5.24
C PRO A 345 -17.87 11.88 4.79
N ASP A 346 -17.06 10.84 4.97
CA ASP A 346 -17.45 9.47 4.65
C ASP A 346 -18.24 8.91 5.83
N ASN A 347 -19.50 8.46 5.55
CA ASN A 347 -20.37 7.83 6.59
C ASN A 347 -19.86 6.50 7.07
N THR A 348 -19.11 5.81 6.22
CA THR A 348 -18.47 4.54 6.52
C THR A 348 -16.94 4.75 6.36
N PRO A 349 -16.32 5.55 7.27
CA PRO A 349 -14.93 5.94 7.11
C PRO A 349 -13.92 4.85 7.49
N PRO A 350 -12.62 4.99 7.01
CA PRO A 350 -11.55 4.05 7.36
C PRO A 350 -11.41 3.91 8.85
N GLY A 351 -11.42 2.67 9.33
CA GLY A 351 -11.33 2.40 10.75
C GLY A 351 -12.61 2.64 11.57
N GLY A 352 -13.71 3.09 10.92
CA GLY A 352 -14.97 3.39 11.61
C GLY A 352 -15.54 2.14 12.26
N GLU A 353 -15.99 2.29 13.52
CA GLU A 353 -16.45 1.19 14.33
C GLU A 353 -17.90 1.33 14.77
N LEU A 354 -18.73 0.34 14.41
CA LEU A 354 -20.09 0.22 14.91
C LEU A 354 -19.93 -0.62 16.17
N VAL A 355 -20.27 -0.03 17.33
CA VAL A 355 -20.03 -0.63 18.65
C VAL A 355 -21.33 -1.03 19.33
N PHE A 356 -21.43 -2.32 19.71
CA PHE A 356 -22.59 -2.86 20.44
C PHE A 356 -22.14 -3.19 21.86
N GLU A 357 -22.67 -2.44 22.84
CA GLU A 357 -22.31 -2.60 24.26
C GLU A 357 -23.43 -3.30 25.04
N LYS A 358 -23.07 -4.35 25.80
CA LYS A 358 -24.01 -5.07 26.70
C LYS A 358 -23.81 -4.51 28.10
N TRP A 359 -24.82 -3.77 28.59
CA TRP A 359 -24.78 -3.17 29.95
C TRP A 359 -25.75 -3.91 30.89
N LYS A 360 -25.30 -4.11 32.13
CA LYS A 360 -26.11 -4.79 33.16
C LYS A 360 -26.55 -3.77 34.21
N ARG A 361 -27.87 -3.67 34.45
CA ARG A 361 -28.38 -2.80 35.53
C ARG A 361 -28.32 -3.63 36.83
N THR A 362 -27.49 -3.20 37.79
CA THR A 362 -27.34 -3.91 39.09
C THR A 362 -28.56 -3.82 40.03
N SER A 363 -29.48 -2.86 39.77
CA SER A 363 -30.71 -2.69 40.55
C SER A 363 -31.59 -3.94 40.55
N ASP A 364 -31.92 -4.44 39.35
CA ASP A 364 -32.80 -5.63 39.17
C ASP A 364 -32.22 -6.73 38.22
N ASN A 365 -30.89 -6.67 37.98
CA ASN A 365 -30.16 -7.65 37.11
C ASN A 365 -30.79 -7.81 35.71
N THR A 366 -30.97 -6.66 35.05
CA THR A 366 -31.54 -6.56 33.73
C THR A 366 -30.41 -6.22 32.73
N ASP A 367 -30.39 -6.92 31.60
CA ASP A 367 -29.37 -6.76 30.56
C ASP A 367 -29.88 -5.84 29.46
N TRP A 368 -29.07 -4.83 29.10
CA TRP A 368 -29.45 -3.81 28.10
C TRP A 368 -28.37 -3.66 27.02
N VAL A 369 -28.80 -3.33 25.79
CA VAL A 369 -27.91 -3.15 24.64
C VAL A 369 -27.86 -1.67 24.20
N GLN A 370 -26.63 -1.14 24.09
CA GLN A 370 -26.38 0.23 23.61
C GLN A 370 -25.52 0.19 22.33
N VAL A 371 -25.93 0.97 21.32
CA VAL A 371 -25.27 1.03 20.01
C VAL A 371 -24.63 2.40 19.78
N SER A 372 -23.36 2.42 19.35
CA SER A 372 -22.62 3.66 19.06
C SER A 372 -21.78 3.51 17.83
N PHE A 373 -21.41 4.64 17.22
CA PHE A 373 -20.46 4.65 16.11
C PHE A 373 -19.24 5.46 16.54
N VAL A 374 -18.07 4.81 16.59
CA VAL A 374 -16.81 5.42 16.99
C VAL A 374 -15.91 5.55 15.75
N TYR A 375 -15.25 6.70 15.63
CA TYR A 375 -14.50 7.04 14.44
C TYR A 375 -13.46 8.16 14.66
N GLN A 376 -12.69 8.46 13.62
CA GLN A 376 -11.73 9.54 13.62
C GLN A 376 -12.13 10.57 12.57
N THR A 377 -12.03 11.86 12.93
CA THR A 377 -12.32 12.96 12.00
C THR A 377 -11.30 12.94 10.89
N LEU A 378 -11.64 13.49 9.74
CA LEU A 378 -10.69 13.50 8.61
C LEU A 378 -9.39 14.24 8.95
N ARG A 379 -9.48 15.31 9.75
CA ARG A 379 -8.28 16.08 10.13
C ARG A 379 -7.41 15.25 11.08
N ASP A 380 -8.04 14.58 12.06
CA ASP A 380 -7.33 13.65 12.99
C ASP A 380 -6.64 12.48 12.27
N MET A 381 -7.18 12.07 11.12
CA MET A 381 -6.55 11.02 10.28
C MET A 381 -5.31 11.58 9.61
N ARG A 382 -5.45 12.77 9.01
CA ARG A 382 -4.34 13.44 8.34
C ARG A 382 -3.21 13.81 9.30
N ASP A 383 -3.56 14.34 10.47
CA ASP A 383 -2.56 14.71 11.48
C ASP A 383 -2.04 13.50 12.28
N ILE A 384 -2.77 12.37 12.23
CA ILE A 384 -2.48 11.18 13.06
C ILE A 384 -2.51 11.62 14.55
N GLN A 385 -3.67 12.18 14.94
CA GLN A 385 -3.92 12.68 16.29
C GLN A 385 -3.83 11.55 17.31
N PRO A 386 -2.89 11.64 18.30
CA PRO A 386 -2.89 10.64 19.37
C PRO A 386 -4.20 10.66 20.14
N LEU A 387 -4.84 9.50 20.28
CA LEU A 387 -6.13 9.39 20.99
C LEU A 387 -5.93 8.95 22.44
N SER A 388 -6.83 9.43 23.30
CA SER A 388 -6.84 9.13 24.75
C SER A 388 -8.19 9.56 25.33
N LEU A 389 -8.36 9.42 26.65
CA LEU A 389 -9.58 9.95 27.31
C LEU A 389 -9.58 11.51 27.34
N GLU A 390 -8.40 12.13 27.23
CA GLU A 390 -8.25 13.59 27.15
C GLU A 390 -8.67 14.09 25.78
N LYS A 391 -8.07 13.48 24.73
CA LYS A 391 -8.35 13.76 23.31
C LYS A 391 -9.11 12.53 22.72
N PRO A 392 -10.45 12.45 22.93
CA PRO A 392 -11.18 11.24 22.52
C PRO A 392 -11.46 11.17 21.03
N ALA A 393 -11.72 9.95 20.54
CA ALA A 393 -12.15 9.75 19.18
C ALA A 393 -13.56 10.27 19.03
N GLY A 394 -13.97 10.54 17.79
CA GLY A 394 -15.34 10.93 17.50
C GLY A 394 -16.30 9.83 17.95
N LYS A 395 -17.49 10.22 18.38
CA LYS A 395 -18.48 9.25 18.85
C LYS A 395 -19.90 9.77 18.61
N VAL A 396 -20.73 8.94 17.96
CA VAL A 396 -22.13 9.25 17.72
C VAL A 396 -23.01 8.26 18.52
N ASP A 397 -23.90 8.81 19.35
CA ASP A 397 -24.83 8.01 20.13
CA ASP A 397 -24.86 8.07 20.15
C ASP A 397 -26.00 7.62 19.23
N LEU A 398 -26.18 6.31 19.04
CA LEU A 398 -27.25 5.75 18.19
C LEU A 398 -28.35 5.12 19.05
N LYS A 399 -29.52 4.96 18.43
CA LYS A 399 -30.71 4.41 19.09
C LYS A 399 -31.42 3.43 18.17
N LEU A 400 -31.68 2.22 18.69
CA LEU A 400 -32.44 1.21 17.95
C LEU A 400 -33.91 1.46 18.23
N ILE A 401 -34.61 1.97 17.22
CA ILE A 401 -36.02 2.33 17.31
C ILE A 401 -36.95 1.10 17.42
N ALA A 402 -36.72 0.10 16.56
CA ALA A 402 -37.62 -1.07 16.40
C ALA A 402 -37.78 -2.03 17.59
N CYS A 403 -36.85 -2.01 18.55
CA CYS A 403 -36.92 -2.96 19.70
C CYS A 403 -38.07 -2.57 20.67
N GLU A 404 -38.76 -3.60 21.20
CA GLU A 404 -39.96 -3.38 22.06
C GLU A 404 -39.68 -2.75 23.43
N GLU A 405 -38.89 -3.45 24.25
CA GLU A 405 -38.56 -3.00 25.61
C GLU A 405 -37.36 -2.07 25.52
N LYS A 406 -37.46 -0.89 26.14
CA LYS A 406 -36.34 0.10 26.14
C LYS A 406 -36.10 0.77 27.51
N ASN A 407 -34.84 1.21 27.69
CA ASN A 407 -34.33 1.85 28.90
C ASN A 407 -34.78 3.31 28.93
N SER A 408 -34.52 4.00 30.06
CA SER A 408 -34.77 5.46 30.17
C SER A 408 -33.82 6.24 29.25
N GLN A 409 -32.56 5.75 29.14
CA GLN A 409 -31.53 6.35 28.25
C GLN A 409 -31.42 5.59 26.87
N GLY A 410 -32.57 5.16 26.34
CA GLY A 410 -32.69 4.58 24.99
C GLY A 410 -32.12 3.18 24.66
N MET A 411 -31.56 2.49 25.64
CA MET A 411 -30.97 1.14 25.41
C MET A 411 -32.06 0.09 25.23
N CYS A 412 -31.91 -0.79 24.23
CA CYS A 412 -32.83 -1.94 24.05
C CYS A 412 -32.55 -2.95 25.13
N SER A 413 -33.56 -3.75 25.47
CA SER A 413 -33.36 -4.87 26.40
C SER A 413 -32.69 -5.97 25.61
N LEU A 414 -31.85 -6.76 26.27
CA LEU A 414 -31.13 -7.87 25.63
C LEU A 414 -32.08 -8.83 24.87
N LYS A 415 -33.21 -9.15 25.52
CA LYS A 415 -34.25 -10.03 24.93
C LYS A 415 -34.86 -9.38 23.68
N SER A 416 -35.18 -8.08 23.77
CA SER A 416 -35.74 -7.33 22.62
C SER A 416 -34.74 -7.21 21.47
N PHE A 417 -33.47 -6.95 21.81
CA PHE A 417 -32.39 -6.87 20.80
C PHE A 417 -32.31 -8.18 20.00
N SER A 418 -32.31 -9.32 20.72
CA SER A 418 -32.28 -10.65 20.08
C SER A 418 -33.53 -10.86 19.19
N ARG A 419 -34.70 -10.51 19.74
CA ARG A 419 -36.01 -10.54 18.98
C ARG A 419 -35.96 -9.71 17.68
N LEU A 420 -35.35 -8.52 17.75
CA LEU A 420 -35.23 -7.61 16.59
C LEU A 420 -34.38 -8.25 15.49
N ILE A 421 -33.25 -8.83 15.89
CA ILE A 421 -32.37 -9.57 14.96
C ILE A 421 -33.13 -10.77 14.33
N LYS A 422 -33.90 -11.50 15.14
CA LYS A 422 -34.74 -12.63 14.66
C LYS A 422 -35.79 -12.18 13.60
N GLU A 423 -36.32 -10.97 13.76
CA GLU A 423 -37.30 -10.40 12.84
C GLU A 423 -36.65 -9.98 11.52
N ILE A 424 -35.54 -9.23 11.60
CA ILE A 424 -34.88 -8.67 10.39
C ILE A 424 -33.94 -9.63 9.61
N ARG A 425 -33.43 -10.68 10.27
CA ARG A 425 -32.52 -11.64 9.60
C ARG A 425 -33.20 -12.41 8.45
N VAL A 426 -32.39 -12.82 7.47
CA VAL A 426 -32.83 -13.60 6.33
C VAL A 426 -32.16 -15.01 6.49
N PRO A 427 -32.92 -16.02 7.06
CA PRO A 427 -32.40 -17.38 7.39
C PRO A 427 -31.53 -18.09 6.34
N GLU A 428 -31.85 -17.86 5.07
CA GLU A 428 -31.12 -18.47 3.94
C GLU A 428 -29.71 -17.93 3.77
N CYS A 429 -29.47 -16.72 4.30
CA CYS A 429 -28.16 -16.07 4.25
C CYS A 429 -27.33 -16.34 5.53
N ALA A 430 -27.81 -17.22 6.42
CA ALA A 430 -27.06 -17.59 7.63
C ALA A 430 -25.84 -18.42 7.24
N VAL A 431 -24.75 -18.21 7.95
CA VAL A 431 -23.45 -18.84 7.62
C VAL A 431 -23.01 -20.26 8.27
N THR A 432 -23.46 -20.72 9.46
CA THR A 432 -24.45 -20.11 10.38
C THR A 432 -23.79 -19.57 11.66
N GLY B 27 2.25 6.98 -35.73
CA GLY B 27 1.76 7.69 -34.49
C GLY B 27 2.89 8.08 -33.55
N MET B 28 3.33 7.12 -32.73
CA MET B 28 4.42 7.32 -31.74
C MET B 28 5.55 6.34 -32.04
N LYS B 29 6.76 6.87 -32.26
CA LYS B 29 7.94 6.08 -32.57
C LYS B 29 8.97 6.15 -31.43
N LEU B 30 9.45 4.98 -30.98
CA LEU B 30 10.47 4.86 -29.93
C LEU B 30 11.84 5.12 -30.54
N GLU B 31 12.53 6.15 -30.03
CA GLU B 31 13.85 6.55 -30.58
C GLU B 31 15.04 6.23 -29.68
N ARG B 32 14.87 6.32 -28.36
CA ARG B 32 15.95 6.08 -27.37
C ARG B 32 15.42 5.52 -26.05
N VAL B 33 16.24 4.70 -25.39
CA VAL B 33 15.93 4.16 -24.06
C VAL B 33 17.14 4.21 -23.14
N VAL B 34 16.90 4.56 -21.89
CA VAL B 34 17.92 4.45 -20.85
C VAL B 34 17.31 3.56 -19.80
N ILE B 35 18.06 2.53 -19.38
CA ILE B 35 17.65 1.62 -18.32
C ILE B 35 18.63 1.76 -17.18
N VAL B 36 18.11 2.03 -15.97
CA VAL B 36 18.91 1.96 -14.76
C VAL B 36 18.42 0.67 -14.08
N SER B 37 19.28 -0.33 -14.03
CA SER B 37 18.95 -1.65 -13.47
C SER B 37 19.69 -1.92 -12.18
N ARG B 38 18.97 -2.53 -11.23
CA ARG B 38 19.60 -3.11 -10.08
C ARG B 38 20.22 -4.40 -10.56
N HIS B 39 21.35 -4.74 -9.95
CA HIS B 39 22.00 -6.03 -10.18
C HIS B 39 21.03 -7.17 -9.92
N GLY B 40 21.32 -8.33 -10.51
CA GLY B 40 20.49 -9.52 -10.33
C GLY B 40 20.63 -10.15 -8.96
N VAL B 41 20.01 -11.33 -8.79
CA VAL B 41 20.01 -12.08 -7.52
C VAL B 41 21.43 -12.35 -7.07
N ARG B 42 21.70 -12.00 -5.81
CA ARG B 42 23.01 -12.13 -5.21
C ARG B 42 22.94 -12.80 -3.87
N ALA B 43 24.09 -13.24 -3.38
CA ALA B 43 24.20 -13.78 -2.03
C ALA B 43 24.10 -12.62 -1.06
N PRO B 44 23.78 -12.91 0.23
CA PRO B 44 23.73 -11.88 1.23
C PRO B 44 25.00 -11.02 1.26
N THR B 45 24.80 -9.75 1.61
CA THR B 45 25.85 -8.78 1.72
C THR B 45 26.76 -9.04 2.94
N LYS B 46 26.24 -9.67 3.99
CA LYS B 46 27.00 -9.96 5.19
C LYS B 46 26.47 -11.18 5.94
N PHE B 47 27.23 -11.62 6.92
CA PHE B 47 26.88 -12.78 7.73
C PHE B 47 27.56 -12.63 9.08
N THR B 48 26.82 -12.08 10.03
CA THR B 48 27.36 -11.59 11.29
C THR B 48 26.86 -12.36 12.54
N PRO B 49 27.53 -12.15 13.72
CA PRO B 49 27.09 -12.75 14.99
C PRO B 49 25.66 -12.43 15.38
N ILE B 50 25.24 -11.17 15.17
CA ILE B 50 23.87 -10.74 15.46
C ILE B 50 22.87 -11.55 14.65
N MET B 51 23.14 -11.72 13.34
CA MET B 51 22.26 -12.52 12.45
C MET B 51 22.11 -13.93 12.97
N LYS B 52 23.21 -14.51 13.44
CA LYS B 52 23.21 -15.85 14.00
C LYS B 52 22.45 -15.92 15.34
N ASN B 53 22.59 -14.88 16.18
CA ASN B 53 21.98 -14.87 17.54
C ASN B 53 20.53 -14.35 17.65
N VAL B 54 19.93 -13.91 16.54
CA VAL B 54 18.48 -13.50 16.52
C VAL B 54 17.56 -14.64 16.06
N THR B 55 18.11 -15.83 15.87
CA THR B 55 17.32 -17.02 15.60
C THR B 55 18.00 -18.25 16.18
N PRO B 56 17.21 -19.21 16.74
CA PRO B 56 17.82 -20.48 17.16
C PRO B 56 18.20 -21.40 15.97
N ASP B 57 17.75 -21.06 14.77
CA ASP B 57 18.07 -21.87 13.58
C ASP B 57 19.36 -21.41 12.92
N GLN B 58 19.81 -22.17 11.94
CA GLN B 58 21.04 -21.90 11.17
C GLN B 58 20.68 -21.35 9.81
N TRP B 59 21.46 -20.39 9.33
CA TRP B 59 21.23 -19.78 8.02
C TRP B 59 21.74 -20.68 6.87
N PRO B 60 20.95 -20.82 5.76
CA PRO B 60 21.46 -21.52 4.58
C PRO B 60 22.67 -20.80 4.01
N GLN B 61 23.65 -21.56 3.53
CA GLN B 61 24.88 -21.00 2.99
C GLN B 61 24.74 -20.81 1.49
N TRP B 62 25.51 -19.86 0.98
CA TRP B 62 25.55 -19.54 -0.45
C TRP B 62 26.94 -19.86 -0.95
N ASP B 63 27.07 -20.55 -2.10
CA ASP B 63 28.49 -20.96 -2.57
C ASP B 63 29.32 -19.83 -3.21
N VAL B 64 28.67 -18.80 -3.75
CA VAL B 64 29.41 -17.63 -4.23
C VAL B 64 29.75 -16.75 -3.01
N PRO B 65 30.83 -15.94 -3.09
CA PRO B 65 31.16 -15.00 -1.98
C PRO B 65 30.00 -14.04 -1.64
N LEU B 66 29.98 -13.52 -0.41
CA LEU B 66 28.95 -12.57 0.02
C LEU B 66 28.81 -11.41 -0.98
N GLY B 67 27.56 -11.04 -1.28
CA GLY B 67 27.27 -9.94 -2.16
C GLY B 67 27.55 -10.12 -3.66
N TRP B 68 27.90 -11.34 -4.09
CA TRP B 68 28.15 -11.62 -5.52
C TRP B 68 26.90 -12.10 -6.22
N LEU B 69 26.81 -11.76 -7.52
CA LEU B 69 25.75 -12.26 -8.39
C LEU B 69 25.94 -13.75 -8.57
N THR B 70 24.85 -14.51 -8.44
CA THR B 70 24.89 -15.95 -8.67
C THR B 70 24.58 -16.23 -10.14
N PRO B 71 25.05 -17.39 -10.69
CA PRO B 71 24.72 -17.76 -12.08
C PRO B 71 23.20 -17.73 -12.38
N ARG B 72 22.40 -18.11 -11.38
CA ARG B 72 20.97 -18.02 -11.48
C ARG B 72 20.48 -16.55 -11.57
N GLY B 73 21.14 -15.65 -10.82
CA GLY B 73 20.86 -14.22 -10.89
C GLY B 73 21.13 -13.69 -12.29
N GLY B 74 22.26 -14.12 -12.87
CA GLY B 74 22.60 -13.81 -14.25
C GLY B 74 21.54 -14.31 -15.22
N GLU B 75 21.15 -15.57 -15.07
CA GLU B 75 20.12 -16.22 -15.94
C GLU B 75 18.79 -15.45 -15.93
N LEU B 76 18.37 -14.98 -14.75
CA LEU B 76 17.14 -14.17 -14.62
C LEU B 76 17.27 -12.79 -15.30
N VAL B 77 18.45 -12.17 -15.22
CA VAL B 77 18.69 -10.89 -15.92
C VAL B 77 18.69 -11.13 -17.46
N SER B 78 19.23 -12.28 -17.92
CA SER B 78 19.22 -12.62 -19.36
CA SER B 78 19.22 -12.62 -19.36
C SER B 78 17.79 -12.76 -19.88
N GLU B 79 16.88 -13.26 -19.02
CA GLU B 79 15.44 -13.34 -19.37
C GLU B 79 14.85 -11.94 -19.61
N LEU B 80 15.25 -10.96 -18.78
CA LEU B 80 14.85 -9.56 -19.00
C LEU B 80 15.49 -9.02 -20.29
N GLY B 81 16.78 -9.33 -20.50
CA GLY B 81 17.50 -8.93 -21.73
C GLY B 81 16.81 -9.47 -22.98
N GLN B 82 16.39 -10.73 -22.89
CA GLN B 82 15.65 -11.43 -23.96
C GLN B 82 14.30 -10.77 -24.21
N TYR B 83 13.53 -10.53 -23.13
CA TYR B 83 12.23 -9.82 -23.24
C TYR B 83 12.42 -8.43 -23.85
N GLN B 84 13.42 -7.69 -23.37
CA GLN B 84 13.69 -6.33 -23.86
C GLN B 84 14.14 -6.32 -25.34
N ARG B 85 14.92 -7.34 -25.76
CA ARG B 85 15.29 -7.51 -27.19
C ARG B 85 14.03 -7.60 -28.06
N LEU B 86 13.12 -8.50 -27.68
CA LEU B 86 11.84 -8.71 -28.41
C LEU B 86 10.96 -7.47 -28.39
N TRP B 87 10.87 -6.82 -27.24
CA TRP B 87 10.03 -5.62 -27.09
C TRP B 87 10.61 -4.43 -27.87
N PHE B 88 11.92 -4.16 -27.70
CA PHE B 88 12.58 -3.05 -28.44
C PHE B 88 12.59 -3.27 -29.98
N THR B 89 12.67 -4.54 -30.40
CA THR B 89 12.63 -4.90 -31.82
C THR B 89 11.23 -4.71 -32.42
N SER B 90 10.19 -5.08 -31.66
CA SER B 90 8.79 -4.91 -32.11
C SER B 90 8.38 -3.44 -32.29
N LYS B 91 9.01 -2.54 -31.51
CA LYS B 91 8.78 -1.09 -31.61
C LYS B 91 9.75 -0.40 -32.58
N GLY B 92 10.68 -1.14 -33.19
CA GLY B 92 11.65 -0.60 -34.16
C GLY B 92 12.88 0.10 -33.59
N LEU B 93 13.08 0.05 -32.26
CA LEU B 93 14.26 0.68 -31.62
C LEU B 93 15.56 0.03 -32.09
N LEU B 94 15.55 -1.31 -32.11
CA LEU B 94 16.64 -2.13 -32.62
C LEU B 94 16.12 -2.86 -33.85
N ASN B 95 16.92 -2.92 -34.92
CA ASN B 95 16.51 -3.64 -36.16
C ASN B 95 16.42 -5.14 -35.92
N ASN B 96 15.51 -5.82 -36.64
CA ASN B 96 15.29 -7.27 -36.49
C ASN B 96 16.41 -8.03 -37.25
N GLN B 97 17.58 -8.04 -36.64
CA GLN B 97 18.81 -8.63 -37.19
C GLN B 97 19.49 -9.43 -36.08
N THR B 98 20.64 -10.03 -36.37
CA THR B 98 21.35 -10.86 -35.36
C THR B 98 21.96 -9.99 -34.25
N CYS B 99 22.75 -8.99 -34.67
CA CYS B 99 23.42 -8.09 -33.73
C CYS B 99 23.09 -6.63 -33.99
N PRO B 100 22.91 -5.82 -32.91
CA PRO B 100 22.66 -4.40 -33.10
C PRO B 100 23.82 -3.70 -33.80
N SER B 101 23.51 -2.66 -34.57
CA SER B 101 24.51 -1.92 -35.32
C SER B 101 25.47 -1.17 -34.40
N PRO B 102 26.68 -0.82 -34.89
CA PRO B 102 27.63 -0.10 -34.02
C PRO B 102 27.04 1.22 -33.49
N GLY B 103 27.34 1.54 -32.23
CA GLY B 103 26.80 2.74 -31.59
C GLY B 103 25.32 2.72 -31.24
N GLN B 104 24.68 1.55 -31.29
CA GLN B 104 23.24 1.42 -30.92
C GLN B 104 23.02 1.02 -29.46
N VAL B 105 23.92 0.17 -28.94
CA VAL B 105 23.82 -0.34 -27.59
C VAL B 105 25.12 -0.07 -26.84
N ALA B 106 24.98 0.46 -25.63
CA ALA B 106 26.11 0.70 -24.72
C ALA B 106 25.69 0.24 -23.31
N VAL B 107 26.64 -0.31 -22.56
CA VAL B 107 26.39 -0.76 -21.18
C VAL B 107 27.43 -0.17 -20.22
N ILE B 108 26.95 0.34 -19.08
CA ILE B 108 27.78 0.84 -17.99
C ILE B 108 27.46 0.04 -16.75
N ALA B 109 28.50 -0.36 -16.01
CA ALA B 109 28.34 -1.09 -14.77
C ALA B 109 29.21 -0.48 -13.68
N ASP B 110 28.73 -0.57 -12.43
CA ASP B 110 29.49 -0.17 -11.28
C ASP B 110 30.65 -1.23 -11.14
N THR B 111 31.68 -0.91 -10.36
CA THR B 111 32.91 -1.75 -10.26
C THR B 111 32.74 -3.12 -9.55
N ASP B 112 31.57 -3.37 -8.94
CA ASP B 112 31.35 -4.64 -8.25
C ASP B 112 31.10 -5.75 -9.25
N GLN B 113 31.48 -6.97 -8.85
CA GLN B 113 31.19 -8.17 -9.61
C GLN B 113 29.70 -8.26 -9.90
N ARG B 114 28.84 -7.96 -8.90
CA ARG B 114 27.37 -8.10 -9.08
C ARG B 114 26.76 -7.24 -10.17
N THR B 115 27.24 -5.99 -10.26
CA THR B 115 26.78 -5.07 -11.30
C THR B 115 27.44 -5.43 -12.65
N ARG B 116 28.75 -5.66 -12.64
CA ARG B 116 29.51 -6.04 -13.86
C ARG B 116 28.94 -7.29 -14.55
N LYS B 117 28.70 -8.34 -13.76
CA LYS B 117 28.08 -9.58 -14.28
C LYS B 117 26.60 -9.40 -14.62
N THR B 118 25.92 -8.40 -14.03
CA THR B 118 24.53 -8.07 -14.45
C THR B 118 24.57 -7.45 -15.88
N GLY B 119 25.56 -6.60 -16.15
CA GLY B 119 25.79 -6.05 -17.50
C GLY B 119 26.03 -7.19 -18.51
N GLU B 120 26.90 -8.13 -18.12
CA GLU B 120 27.21 -9.33 -18.92
C GLU B 120 25.96 -10.12 -19.18
N ALA B 121 25.26 -10.45 -18.09
CA ALA B 121 24.03 -11.24 -18.15
C ALA B 121 22.93 -10.58 -19.00
N PHE B 122 22.77 -9.26 -18.87
CA PHE B 122 21.75 -8.53 -19.68
C PHE B 122 22.04 -8.64 -21.19
N LEU B 123 23.31 -8.46 -21.58
CA LEU B 123 23.72 -8.60 -23.01
C LEU B 123 23.56 -10.03 -23.53
N ALA B 124 23.78 -11.03 -22.66
CA ALA B 124 23.59 -12.45 -23.02
C ALA B 124 22.14 -12.73 -23.47
N GLY B 125 21.20 -11.99 -22.91
CA GLY B 125 19.79 -12.06 -23.29
C GLY B 125 19.46 -11.17 -24.47
N LEU B 126 19.96 -9.92 -24.44
CA LEU B 126 19.66 -8.90 -25.44
C LEU B 126 20.33 -9.14 -26.78
N ALA B 127 21.63 -9.40 -26.74
CA ALA B 127 22.46 -9.54 -27.94
C ALA B 127 23.54 -10.63 -27.75
N PRO B 128 23.11 -11.91 -27.61
CA PRO B 128 24.10 -12.99 -27.41
C PRO B 128 25.02 -13.13 -28.60
N LYS B 129 26.29 -13.40 -28.33
CA LYS B 129 27.32 -13.60 -29.34
C LYS B 129 27.61 -12.33 -30.21
N CYS B 130 27.35 -11.14 -29.64
CA CYS B 130 27.63 -9.85 -30.30
C CYS B 130 28.89 -9.14 -29.75
N GLN B 131 29.44 -9.67 -28.63
CA GLN B 131 30.67 -9.15 -27.99
CA GLN B 131 30.67 -9.16 -27.99
C GLN B 131 30.58 -7.66 -27.60
N ILE B 132 29.36 -7.21 -27.24
CA ILE B 132 29.16 -5.81 -26.82
C ILE B 132 29.87 -5.61 -25.45
N GLN B 133 30.64 -4.54 -25.34
CA GLN B 133 31.41 -4.23 -24.14
C GLN B 133 30.55 -3.79 -22.92
N VAL B 134 31.01 -4.19 -21.73
CA VAL B 134 30.47 -3.74 -20.47
C VAL B 134 31.49 -2.76 -19.95
N HIS B 135 31.15 -1.46 -19.94
CA HIS B 135 32.06 -0.42 -19.43
C HIS B 135 32.00 -0.34 -17.91
N TYR B 136 33.15 -0.06 -17.30
CA TYR B 136 33.30 0.12 -15.85
C TYR B 136 34.67 0.71 -15.57
N GLN B 137 34.82 1.38 -14.42
CA GLN B 137 36.12 1.93 -14.01
C GLN B 137 37.06 0.77 -13.75
N LYS B 138 38.27 0.84 -14.34
CA LYS B 138 39.27 -0.25 -14.23
C LYS B 138 40.04 -0.23 -12.90
N ASP B 139 40.04 0.90 -12.19
CA ASP B 139 40.59 0.94 -10.81
C ASP B 139 39.51 0.28 -9.93
N GLU B 140 39.49 -1.05 -9.95
CA GLU B 140 38.42 -1.88 -9.30
C GLU B 140 38.46 -1.93 -7.74
N GLU B 141 39.49 -1.29 -7.14
CA GLU B 141 39.59 -1.14 -5.69
C GLU B 141 38.69 0.04 -5.30
N LYS B 142 38.92 1.18 -5.99
CA LYS B 142 38.27 2.49 -5.75
C LYS B 142 36.75 2.47 -6.14
N ASN B 143 36.02 3.54 -5.78
CA ASN B 143 34.56 3.64 -6.08
C ASN B 143 34.26 4.46 -7.33
N ASP B 144 33.15 4.11 -8.00
CA ASP B 144 32.67 4.84 -9.18
C ASP B 144 31.66 5.89 -8.69
N PRO B 145 32.01 7.21 -8.79
CA PRO B 145 31.12 8.29 -8.28
C PRO B 145 29.74 8.43 -8.96
N LEU B 146 29.56 7.86 -10.15
CA LEU B 146 28.23 7.83 -10.81
C LEU B 146 27.18 7.14 -9.95
N PHE B 147 27.63 6.10 -9.23
CA PHE B 147 26.78 5.32 -8.33
C PHE B 147 26.84 5.77 -6.87
N ASN B 148 27.95 6.42 -6.47
CA ASN B 148 28.16 6.87 -5.08
C ASN B 148 28.86 8.25 -5.01
N PRO B 149 28.16 9.33 -5.40
CA PRO B 149 28.80 10.66 -5.43
C PRO B 149 29.15 11.27 -4.05
N VAL B 150 28.43 10.89 -2.99
CA VAL B 150 28.67 11.50 -1.65
C VAL B 150 30.08 11.06 -1.04
N LYS B 151 30.79 10.14 -1.71
CA LYS B 151 32.20 9.80 -1.40
C LYS B 151 33.20 10.83 -2.08
N MET B 152 32.68 11.77 -2.89
CA MET B 152 33.52 12.85 -3.46
C MET B 152 33.69 13.95 -2.44
N GLY B 153 34.79 14.68 -2.56
CA GLY B 153 35.06 15.84 -1.68
C GLY B 153 34.06 16.96 -1.95
N LYS B 154 33.82 17.25 -3.26
CA LYS B 154 32.85 18.30 -3.70
CA LYS B 154 32.87 18.31 -3.67
C LYS B 154 31.43 18.08 -3.18
N CYS B 155 31.04 16.80 -2.97
CA CYS B 155 29.68 16.42 -2.55
C CYS B 155 29.58 15.77 -1.15
N SER B 156 29.04 16.53 -0.18
CA SER B 156 28.77 16.06 1.18
C SER B 156 27.38 16.46 1.65
N PHE B 157 26.83 15.68 2.56
CA PHE B 157 25.54 15.97 3.16
C PHE B 157 25.68 17.02 4.24
N ASN B 158 24.69 17.92 4.35
CA ASN B 158 24.59 18.79 5.53
CA ASN B 158 24.56 18.79 5.50
C ASN B 158 23.99 17.83 6.55
N THR B 159 24.85 17.31 7.42
CA THR B 159 24.48 16.25 8.39
C THR B 159 23.22 16.49 9.25
N LEU B 160 23.13 17.66 9.90
CA LEU B 160 21.94 17.98 10.73
C LEU B 160 20.67 18.10 9.88
N GLN B 161 20.77 18.81 8.75
CA GLN B 161 19.65 18.96 7.80
C GLN B 161 19.14 17.59 7.30
N VAL B 162 20.07 16.74 6.88
CA VAL B 162 19.75 15.39 6.37
C VAL B 162 19.15 14.47 7.45
N CYS B 163 19.78 14.38 8.63
CA CYS B 163 19.25 13.53 9.76
C CYS B 163 17.88 13.98 10.17
N ASN B 164 17.74 15.29 10.41
CA ASN B 164 16.45 15.85 10.80
C ASN B 164 15.35 15.65 9.73
N ALA B 165 15.73 15.77 8.45
CA ALA B 165 14.80 15.54 7.33
C ALA B 165 14.28 14.09 7.31
N ILE B 166 15.20 13.15 7.50
CA ILE B 166 14.84 11.72 7.59
C ILE B 166 14.01 11.49 8.87
N LEU B 167 14.43 12.14 9.97
CA LEU B 167 13.72 12.01 11.26
C LEU B 167 12.24 12.43 11.13
N GLU B 168 11.99 13.60 10.49
CA GLU B 168 10.62 14.12 10.30
C GLU B 168 9.79 13.29 9.34
N ARG B 169 10.46 12.60 8.40
CA ARG B 169 9.75 11.61 7.54
C ARG B 169 9.32 10.39 8.35
N ALA B 170 10.06 10.10 9.43
CA ALA B 170 9.72 9.04 10.38
C ALA B 170 8.73 9.49 11.51
N GLY B 171 8.18 10.72 11.40
CA GLY B 171 7.20 11.26 12.38
C GLY B 171 7.77 12.12 13.51
N GLY B 172 9.08 12.37 13.52
CA GLY B 172 9.74 13.13 14.61
C GLY B 172 10.58 12.26 15.54
N ASN B 173 10.30 10.94 15.55
CA ASN B 173 11.09 9.96 16.31
CA ASN B 173 11.03 9.95 16.36
C ASN B 173 10.93 8.56 15.73
N ILE B 174 12.04 7.82 15.70
CA ILE B 174 12.07 6.45 15.12
C ILE B 174 11.08 5.53 15.84
N GLU B 175 10.98 5.66 17.17
CA GLU B 175 10.02 4.85 17.97
C GLU B 175 8.59 4.93 17.44
N LEU B 176 8.14 6.13 17.00
CA LEU B 176 6.80 6.28 16.34
C LEU B 176 6.75 5.54 15.00
N TYR B 177 7.87 5.54 14.26
CA TYR B 177 7.98 4.79 12.99
C TYR B 177 7.94 3.28 13.32
N THR B 178 8.61 2.86 14.40
CA THR B 178 8.57 1.47 14.87
C THR B 178 7.10 1.07 15.21
N GLN B 179 6.36 1.94 15.96
CA GLN B 179 4.92 1.66 16.29
CA GLN B 179 4.93 1.69 16.29
C GLN B 179 4.07 1.47 15.01
N ARG B 180 4.40 2.22 13.98
CA ARG B 180 3.69 2.11 12.70
C ARG B 180 3.86 0.74 12.02
N TYR B 181 5.04 0.12 12.21
CA TYR B 181 5.36 -1.18 11.64
C TYR B 181 5.43 -2.33 12.70
N GLN B 182 4.72 -2.17 13.83
CA GLN B 182 4.72 -3.22 14.93
C GLN B 182 4.45 -4.62 14.43
N SER B 183 3.31 -4.79 13.75
CA SER B 183 2.87 -6.13 13.27
C SER B 183 3.85 -6.75 12.27
N SER B 184 4.54 -5.92 11.48
CA SER B 184 5.59 -6.41 10.56
C SER B 184 6.74 -7.01 11.34
N PHE B 185 7.16 -6.32 12.41
CA PHE B 185 8.20 -6.83 13.30
C PHE B 185 7.77 -8.13 13.98
N ARG B 186 6.49 -8.25 14.34
CA ARG B 186 5.94 -9.50 14.91
C ARG B 186 6.09 -10.66 13.90
N THR B 187 5.84 -10.37 12.62
CA THR B 187 5.95 -11.40 11.56
C THR B 187 7.41 -11.83 11.40
N LEU B 188 8.33 -10.86 11.34
CA LEU B 188 9.77 -11.18 11.24
C LEU B 188 10.21 -12.04 12.45
N GLU B 189 9.81 -11.62 13.64
CA GLU B 189 10.09 -12.36 14.90
C GLU B 189 9.56 -13.79 14.87
N ASN B 190 8.33 -13.98 14.35
CA ASN B 190 7.75 -15.32 14.19
CA ASN B 190 7.74 -15.33 14.18
C ASN B 190 8.54 -16.18 13.19
N VAL B 191 8.96 -15.55 12.08
CA VAL B 191 9.76 -16.25 11.03
C VAL B 191 11.14 -16.69 11.57
N LEU B 192 11.77 -15.83 12.35
CA LEU B 192 13.05 -16.12 13.00
C LEU B 192 12.93 -17.03 14.23
N ASN B 193 11.70 -17.21 14.76
CA ASN B 193 11.45 -17.82 16.09
C ASN B 193 12.34 -17.10 17.09
N PHE B 194 12.21 -15.76 17.08
CA PHE B 194 13.07 -14.83 17.84
C PHE B 194 13.04 -15.06 19.34
N SER B 195 11.84 -15.35 19.88
CA SER B 195 11.65 -15.63 21.33
CA SER B 195 11.66 -15.60 21.33
C SER B 195 12.55 -16.75 21.87
N GLN B 196 12.89 -17.71 21.01
CA GLN B 196 13.74 -18.85 21.39
C GLN B 196 15.24 -18.66 21.04
N SER B 197 15.64 -17.45 20.58
CA SER B 197 17.04 -17.18 20.20
C SER B 197 17.88 -16.72 21.41
N GLU B 198 19.20 -16.67 21.20
CA GLU B 198 20.17 -16.23 22.22
C GLU B 198 19.92 -14.77 22.68
N THR B 199 19.40 -13.93 21.75
CA THR B 199 19.05 -12.52 22.06
C THR B 199 17.97 -12.40 23.17
N CYS B 200 17.02 -13.34 23.20
CA CYS B 200 15.93 -13.39 24.22
C CYS B 200 16.19 -14.40 25.37
N LYS B 201 17.43 -14.89 25.48
CA LYS B 201 17.81 -15.89 26.50
C LYS B 201 17.53 -15.40 27.92
N THR B 202 18.07 -14.22 28.25
CA THR B 202 17.98 -13.64 29.60
C THR B 202 16.66 -12.88 29.89
N THR B 203 16.09 -12.24 28.87
CA THR B 203 14.88 -11.40 29.03
C THR B 203 13.59 -12.22 29.20
N GLU B 204 12.86 -11.95 30.30
CA GLU B 204 11.58 -12.60 30.64
C GLU B 204 10.60 -11.55 31.15
N LYS B 205 9.48 -11.35 30.43
CA LYS B 205 8.46 -10.33 30.82
C LYS B 205 7.04 -10.70 30.34
N SER B 206 6.04 -9.91 30.80
CA SER B 206 4.60 -10.11 30.47
C SER B 206 4.34 -10.11 28.97
N THR B 207 4.88 -9.09 28.31
CA THR B 207 4.83 -8.95 26.88
C THR B 207 5.92 -9.83 26.21
N LYS B 208 5.91 -9.85 24.90
CA LYS B 208 6.94 -10.55 24.10
C LYS B 208 8.33 -9.96 24.20
N CYS B 209 9.32 -10.82 23.96
CA CYS B 209 10.67 -10.36 23.67
C CYS B 209 10.56 -9.86 22.20
N THR B 210 10.96 -8.61 21.94
CA THR B 210 10.86 -8.01 20.58
C THR B 210 12.20 -7.47 20.06
N LEU B 211 12.31 -7.41 18.74
CA LEU B 211 13.54 -6.92 18.06
C LEU B 211 13.83 -5.45 18.31
N PRO B 212 12.79 -4.57 18.18
CA PRO B 212 13.05 -3.15 18.44
C PRO B 212 13.48 -2.85 19.89
N GLU B 213 12.92 -3.57 20.86
CA GLU B 213 13.27 -3.40 22.29
C GLU B 213 14.68 -3.97 22.54
N ALA B 214 15.00 -5.11 21.93
CA ALA B 214 16.33 -5.73 22.04
C ALA B 214 17.42 -4.92 21.32
N LEU B 215 17.07 -4.36 20.15
CA LEU B 215 17.99 -3.55 19.33
C LEU B 215 17.34 -2.21 18.94
N PRO B 216 17.32 -1.23 19.90
CA PRO B 216 16.73 0.11 19.58
C PRO B 216 17.46 0.82 18.45
N SER B 217 16.71 1.48 17.58
CA SER B 217 17.23 2.12 16.39
C SER B 217 17.30 3.62 16.52
N GLU B 218 18.38 4.20 16.02
CA GLU B 218 18.57 5.62 16.04
C GLU B 218 19.41 6.03 14.81
N LEU B 219 19.06 7.16 14.20
CA LEU B 219 19.75 7.64 13.00
C LEU B 219 21.20 8.03 13.29
N LYS B 220 22.08 7.73 12.32
CA LYS B 220 23.48 8.15 12.34
C LYS B 220 23.75 8.78 10.98
N CYS B 221 24.12 10.04 10.98
CA CYS B 221 24.42 10.77 9.74
C CYS B 221 25.79 11.37 9.84
N THR B 222 26.59 11.13 8.81
CA THR B 222 27.92 11.70 8.67
C THR B 222 27.93 12.44 7.30
N PRO B 223 29.00 13.22 7.00
CA PRO B 223 29.03 13.96 5.71
C PRO B 223 28.94 13.10 4.45
N ASP B 224 29.39 11.84 4.52
CA ASP B 224 29.34 10.93 3.34
C ASP B 224 28.37 9.75 3.49
N ASN B 225 27.61 9.68 4.60
CA ASN B 225 26.77 8.50 4.82
C ASN B 225 25.64 8.69 5.80
N VAL B 226 24.55 7.95 5.57
CA VAL B 226 23.39 7.94 6.44
CA VAL B 226 23.41 7.94 6.46
C VAL B 226 23.03 6.48 6.76
N SER B 227 22.65 6.22 8.01
CA SER B 227 22.26 4.87 8.42
C SER B 227 21.31 4.91 9.60
N LEU B 228 20.54 3.83 9.75
CA LEU B 228 19.61 3.65 10.86
C LEU B 228 19.89 2.28 11.50
N PRO B 229 20.98 2.18 12.28
CA PRO B 229 21.35 0.90 12.89
C PRO B 229 20.44 0.51 14.06
N GLY B 230 20.25 -0.78 14.25
CA GLY B 230 19.35 -1.35 15.27
C GLY B 230 18.44 -2.35 14.61
N ALA B 231 17.29 -2.61 15.21
CA ALA B 231 16.31 -3.55 14.64
C ALA B 231 15.90 -3.16 13.21
N TRP B 232 15.87 -1.85 12.92
CA TRP B 232 15.55 -1.36 11.55
C TRP B 232 16.55 -1.82 10.46
N SER B 233 17.84 -1.53 10.62
CA SER B 233 18.86 -1.99 9.63
C SER B 233 18.92 -3.52 9.52
N LEU B 234 18.92 -4.20 10.67
CA LEU B 234 18.95 -5.66 10.71
C LEU B 234 17.77 -6.25 9.92
N SER B 235 16.57 -5.82 10.27
CA SER B 235 15.32 -6.29 9.61
C SER B 235 15.33 -6.06 8.10
N SER B 236 15.88 -4.92 7.67
CA SER B 236 16.03 -4.60 6.25
C SER B 236 16.92 -5.63 5.57
N THR B 237 18.02 -5.98 6.24
CA THR B 237 18.95 -6.99 5.74
C THR B 237 18.29 -8.38 5.70
N LEU B 238 17.70 -8.80 6.83
CA LEU B 238 17.11 -10.17 6.95
C LEU B 238 15.98 -10.46 6.00
N THR B 239 15.03 -9.51 5.90
CA THR B 239 13.88 -9.69 5.01
C THR B 239 14.32 -9.72 3.53
N GLU B 240 15.37 -8.96 3.19
CA GLU B 240 15.94 -9.01 1.83
C GLU B 240 16.59 -10.37 1.60
N ILE B 241 17.27 -10.92 2.63
CA ILE B 241 17.89 -12.25 2.53
C ILE B 241 16.80 -13.30 2.22
N PHE B 242 15.67 -13.22 2.92
CA PHE B 242 14.56 -14.17 2.63
C PHE B 242 14.10 -14.06 1.18
N LEU B 243 13.93 -12.82 0.68
CA LEU B 243 13.55 -12.58 -0.72
C LEU B 243 14.57 -13.18 -1.66
N LEU B 244 15.86 -12.92 -1.39
CA LEU B 244 16.98 -13.48 -2.19
C LEU B 244 16.97 -15.02 -2.20
N GLN B 245 16.76 -15.63 -1.03
CA GLN B 245 16.65 -17.11 -0.93
C GLN B 245 15.58 -17.67 -1.89
N GLU B 246 14.39 -17.04 -1.84
CA GLU B 246 13.26 -17.39 -2.70
C GLU B 246 13.61 -17.19 -4.19
N ALA B 247 14.04 -15.99 -4.56
CA ALA B 247 14.42 -15.67 -5.98
C ALA B 247 15.55 -16.58 -6.52
N GLN B 248 16.45 -17.01 -5.63
CA GLN B 248 17.54 -17.95 -5.94
C GLN B 248 17.06 -19.40 -6.17
N GLY B 249 15.83 -19.72 -5.76
CA GLY B 249 15.30 -21.05 -5.90
C GLY B 249 15.76 -21.98 -4.80
N MET B 250 16.10 -21.42 -3.62
CA MET B 250 16.57 -22.23 -2.51
C MET B 250 15.41 -23.07 -1.95
N PRO B 251 15.64 -24.37 -1.75
CA PRO B 251 14.56 -25.32 -1.35
C PRO B 251 13.87 -24.99 -0.01
N GLN B 252 14.62 -24.44 0.96
CA GLN B 252 14.06 -24.05 2.26
C GLN B 252 14.29 -22.55 2.50
N VAL B 253 13.25 -21.74 2.23
CA VAL B 253 13.31 -20.29 2.41
C VAL B 253 12.76 -19.95 3.77
N ALA B 254 13.56 -19.23 4.56
CA ALA B 254 13.16 -18.78 5.89
C ALA B 254 12.63 -19.94 6.79
N TRP B 255 13.31 -21.09 6.69
CA TRP B 255 12.96 -22.30 7.46
C TRP B 255 11.49 -22.77 7.21
N GLY B 256 10.99 -22.50 6.00
CA GLY B 256 9.63 -22.80 5.57
C GLY B 256 8.51 -22.09 6.31
N ARG B 257 8.81 -20.95 6.94
CA ARG B 257 7.84 -20.23 7.81
C ARG B 257 7.11 -19.02 7.20
N ILE B 258 7.37 -18.68 5.94
CA ILE B 258 6.65 -17.56 5.27
C ILE B 258 5.41 -18.18 4.56
N THR B 259 4.21 -17.70 4.95
N THR B 259 4.21 -17.74 4.94
CA THR B 259 2.91 -18.15 4.43
CA THR B 259 2.96 -18.28 4.32
C THR B 259 2.23 -17.12 3.53
C THR B 259 2.22 -17.18 3.53
N GLY B 260 2.34 -17.24 2.21
CA GLY B 260 1.65 -16.31 1.28
C GLY B 260 2.14 -14.88 1.18
N GLU B 261 1.54 -14.16 0.21
CA GLU B 261 1.93 -12.74 -0.10
C GLU B 261 1.80 -11.79 1.08
N LYS B 262 0.84 -12.03 1.97
CA LYS B 262 0.63 -11.14 3.11
C LYS B 262 1.85 -11.09 4.01
N GLU B 263 2.35 -12.27 4.40
CA GLU B 263 3.55 -12.35 5.25
C GLU B 263 4.81 -11.87 4.49
N TRP B 264 4.87 -12.12 3.18
CA TRP B 264 5.97 -11.61 2.34
C TRP B 264 6.06 -10.10 2.36
N ARG B 265 4.90 -9.44 2.25
CA ARG B 265 4.85 -7.98 2.26
C ARG B 265 5.01 -7.39 3.66
N ASP B 266 4.53 -8.09 4.70
CA ASP B 266 4.85 -7.72 6.12
C ASP B 266 6.33 -7.63 6.30
N LEU B 267 7.04 -8.66 5.81
CA LEU B 267 8.50 -8.74 5.94
C LEU B 267 9.19 -7.65 5.13
N LEU B 268 8.92 -7.62 3.84
CA LEU B 268 9.57 -6.63 2.96
C LEU B 268 9.13 -5.15 3.19
N SER B 269 8.04 -4.90 3.95
CA SER B 269 7.65 -3.53 4.30
CA SER B 269 7.64 -3.53 4.32
C SER B 269 8.75 -2.86 5.15
N LEU B 270 9.46 -3.69 5.95
CA LEU B 270 10.56 -3.21 6.78
C LEU B 270 11.74 -2.76 5.93
N HIS B 271 12.12 -3.60 4.96
CA HIS B 271 13.17 -3.31 3.98
C HIS B 271 12.84 -2.08 3.14
N ASN B 272 11.62 -2.06 2.59
CA ASN B 272 11.14 -0.95 1.75
C ASN B 272 11.07 0.36 2.51
N ALA B 273 10.63 0.30 3.78
CA ALA B 273 10.56 1.48 4.66
C ALA B 273 11.94 1.99 5.05
N GLN B 274 12.92 1.09 5.25
CA GLN B 274 14.27 1.55 5.62
CA GLN B 274 14.31 1.48 5.58
C GLN B 274 14.92 2.25 4.40
N PHE B 275 14.73 1.68 3.21
CA PHE B 275 15.20 2.30 1.94
C PHE B 275 14.48 3.64 1.67
N ASP B 276 13.21 3.73 2.07
CA ASP B 276 12.44 4.95 1.95
C ASP B 276 13.12 6.08 2.77
N LEU B 277 13.38 5.78 4.06
CA LEU B 277 14.06 6.73 4.94
C LEU B 277 15.48 7.07 4.49
N LEU B 278 16.31 6.05 4.27
CA LEU B 278 17.76 6.28 4.00
C LEU B 278 18.13 6.63 2.56
N GLN B 279 17.28 6.28 1.59
CA GLN B 279 17.59 6.51 0.15
C GLN B 279 16.60 7.34 -0.66
N ARG B 280 15.31 7.40 -0.23
CA ARG B 280 14.30 8.21 -0.96
C ARG B 280 14.05 9.62 -0.35
N THR B 281 14.44 9.84 0.91
CA THR B 281 14.34 11.15 1.55
C THR B 281 15.06 12.17 0.65
N PRO B 282 14.31 13.15 0.06
CA PRO B 282 14.87 14.10 -0.94
C PRO B 282 16.24 14.67 -0.62
N GLU B 283 16.46 15.05 0.65
CA GLU B 283 17.74 15.64 1.07
C GLU B 283 18.94 14.70 0.84
N VAL B 284 18.68 13.37 0.86
CA VAL B 284 19.68 12.35 0.51
C VAL B 284 19.61 12.00 -0.99
N ALA B 285 18.39 11.67 -1.49
CA ALA B 285 18.17 11.23 -2.91
C ALA B 285 18.67 12.19 -3.97
N ARG B 286 18.47 13.50 -3.74
CA ARG B 286 18.88 14.55 -4.69
C ARG B 286 20.37 14.52 -4.95
N SER B 287 21.15 14.51 -3.89
CA SER B 287 22.62 14.45 -4.00
C SER B 287 23.09 13.14 -4.65
N ARG B 288 22.59 12.01 -4.15
CA ARG B 288 23.03 10.66 -4.61
C ARG B 288 22.60 10.32 -6.03
N ALA B 289 21.40 10.78 -6.43
CA ALA B 289 20.88 10.53 -7.80
C ALA B 289 21.42 11.47 -8.88
N THR B 290 22.12 12.55 -8.49
CA THR B 290 22.54 13.62 -9.47
C THR B 290 23.34 13.11 -10.71
N PRO B 291 24.46 12.36 -10.49
CA PRO B 291 25.21 11.82 -11.63
C PRO B 291 24.39 10.95 -12.58
N LEU B 292 23.55 10.06 -12.03
CA LEU B 292 22.67 9.21 -12.86
C LEU B 292 21.61 10.05 -13.62
N LEU B 293 21.00 11.01 -12.91
CA LEU B 293 20.06 11.97 -13.54
C LEU B 293 20.73 12.76 -14.69
N ASP B 294 21.98 13.20 -14.48
CA ASP B 294 22.77 13.93 -15.52
C ASP B 294 23.05 13.06 -16.74
N MET B 295 23.43 11.79 -16.47
CA MET B 295 23.66 10.78 -17.53
C MET B 295 22.38 10.50 -18.30
N ILE B 296 21.27 10.25 -17.57
CA ILE B 296 19.95 9.98 -18.19
C ILE B 296 19.53 11.15 -19.08
N ASP B 297 19.72 12.37 -18.57
CA ASP B 297 19.33 13.59 -19.27
C ASP B 297 20.15 13.77 -20.56
N THR B 298 21.49 13.74 -20.42
CA THR B 298 22.41 13.80 -21.57
C THR B 298 22.08 12.75 -22.64
N ALA B 299 21.86 11.51 -22.21
CA ALA B 299 21.59 10.39 -23.13
C ALA B 299 20.28 10.56 -23.91
N LEU B 300 19.28 11.16 -23.29
CA LEU B 300 17.98 11.44 -23.93
C LEU B 300 17.98 12.74 -24.79
N LEU B 301 18.81 13.73 -24.42
CA LEU B 301 18.84 15.05 -25.10
C LEU B 301 19.80 15.26 -26.27
N THR B 302 21.06 14.82 -26.14
CA THR B 302 22.08 15.20 -27.14
C THR B 302 21.92 14.52 -28.50
N ASN B 303 22.41 15.24 -29.52
CA ASN B 303 22.47 14.78 -30.91
C ASN B 303 23.92 14.43 -31.31
N GLY B 304 24.81 14.26 -30.30
CA GLY B 304 26.23 13.94 -30.51
C GLY B 304 27.09 14.37 -29.33
N THR B 305 27.57 13.40 -28.55
CA THR B 305 28.47 13.67 -27.39
C THR B 305 29.34 12.47 -27.11
N THR B 306 30.50 12.70 -26.52
CA THR B 306 31.42 11.62 -26.18
C THR B 306 31.51 11.57 -24.66
N GLU B 307 31.01 10.47 -24.07
CA GLU B 307 31.09 10.25 -22.63
C GLU B 307 32.57 10.10 -22.26
N ASN B 308 33.05 11.03 -21.45
CA ASN B 308 34.48 11.19 -21.17
C ASN B 308 35.10 10.12 -20.25
N ARG B 309 34.35 9.61 -19.26
CA ARG B 309 34.89 8.64 -18.24
C ARG B 309 34.93 7.18 -18.68
N TYR B 310 33.99 6.80 -19.56
CA TYR B 310 33.91 5.43 -20.11
C TYR B 310 34.30 5.35 -21.61
N GLY B 311 34.19 6.46 -22.36
CA GLY B 311 34.50 6.47 -23.80
C GLY B 311 33.34 5.93 -24.63
N ILE B 312 32.11 6.33 -24.29
CA ILE B 312 30.91 5.92 -25.00
C ILE B 312 30.48 7.07 -25.87
N LYS B 313 30.22 6.79 -27.15
CA LYS B 313 29.75 7.80 -28.08
C LYS B 313 28.25 7.87 -27.99
N LEU B 314 27.74 8.86 -27.27
CA LEU B 314 26.29 9.10 -27.16
C LEU B 314 25.90 9.98 -28.36
N PRO B 315 24.64 9.87 -28.84
CA PRO B 315 23.53 9.05 -28.36
C PRO B 315 23.62 7.57 -28.80
N VAL B 316 22.82 6.75 -28.13
CA VAL B 316 22.66 5.33 -28.43
C VAL B 316 21.19 5.04 -28.27
N SER B 317 20.71 3.98 -28.92
CA SER B 317 19.28 3.60 -28.84
C SER B 317 18.92 3.00 -27.48
N LEU B 318 19.87 2.27 -26.89
CA LEU B 318 19.70 1.65 -25.58
C LEU B 318 20.98 1.81 -24.78
N LEU B 319 20.89 2.53 -23.66
CA LEU B 319 21.96 2.67 -22.68
C LEU B 319 21.46 1.91 -21.46
N PHE B 320 22.13 0.81 -21.09
CA PHE B 320 21.77 -0.02 -19.93
C PHE B 320 22.80 0.25 -18.85
N ILE B 321 22.33 0.65 -17.66
CA ILE B 321 23.20 1.00 -16.53
C ILE B 321 22.92 0.06 -15.34
N ALA B 322 23.94 -0.73 -14.97
CA ALA B 322 23.85 -1.70 -13.86
C ALA B 322 24.35 -1.10 -12.54
N GLY B 323 23.40 -0.86 -11.64
CA GLY B 323 23.65 -0.33 -10.33
C GLY B 323 23.03 -1.20 -9.25
N HIS B 324 22.58 -0.55 -8.17
CA HIS B 324 22.06 -1.21 -6.97
C HIS B 324 20.69 -0.71 -6.61
N ASP B 325 20.08 -1.37 -5.63
CA ASP B 325 18.76 -0.95 -5.11
C ASP B 325 18.79 0.48 -4.53
N THR B 326 19.94 0.85 -3.93
CA THR B 326 20.15 2.19 -3.38
C THR B 326 19.93 3.24 -4.47
N ASN B 327 20.47 2.99 -5.67
CA ASN B 327 20.34 3.92 -6.81
C ASN B 327 18.90 4.04 -7.32
N LEU B 328 18.18 2.91 -7.42
CA LEU B 328 16.76 2.93 -7.82
C LEU B 328 15.94 3.75 -6.83
N ALA B 329 16.22 3.57 -5.53
CA ALA B 329 15.55 4.31 -4.46
C ALA B 329 15.89 5.82 -4.53
N ASN B 330 17.18 6.17 -4.80
CA ASN B 330 17.60 7.59 -4.97
C ASN B 330 16.88 8.25 -6.13
N LEU B 331 16.79 7.52 -7.25
CA LEU B 331 16.08 8.01 -8.43
C LEU B 331 14.59 8.16 -8.12
N SER B 332 14.03 7.17 -7.47
CA SER B 332 12.60 7.19 -7.05
C SER B 332 12.29 8.42 -6.18
N GLY B 333 13.11 8.65 -5.16
CA GLY B 333 12.92 9.78 -4.24
C GLY B 333 13.15 11.16 -4.86
N ALA B 334 14.19 11.27 -5.71
CA ALA B 334 14.55 12.53 -6.38
C ALA B 334 13.47 12.95 -7.40
N LEU B 335 13.01 11.99 -8.21
CA LEU B 335 11.95 12.22 -9.21
C LEU B 335 10.52 12.16 -8.64
N ASP B 336 10.39 11.81 -7.37
CA ASP B 336 9.12 11.65 -6.67
C ASP B 336 8.23 10.55 -7.32
N LEU B 337 8.88 9.42 -7.67
CA LEU B 337 8.22 8.26 -8.24
C LEU B 337 7.83 7.34 -7.13
N ASN B 338 6.53 7.02 -7.04
CA ASN B 338 5.99 6.12 -6.06
C ASN B 338 5.38 4.93 -6.77
N TRP B 339 5.61 3.73 -6.24
CA TRP B 339 5.06 2.51 -6.84
C TRP B 339 4.99 1.31 -5.89
N SER B 340 4.25 0.32 -6.36
CA SER B 340 4.18 -1.02 -5.76
C SER B 340 4.19 -1.95 -6.96
N LEU B 341 4.90 -3.09 -6.84
CA LEU B 341 5.08 -4.04 -7.94
C LEU B 341 4.24 -5.30 -7.73
N PRO B 342 3.17 -5.51 -8.56
CA PRO B 342 2.34 -6.73 -8.39
C PRO B 342 3.16 -8.02 -8.38
N GLY B 343 2.90 -8.87 -7.39
CA GLY B 343 3.64 -10.13 -7.24
C GLY B 343 5.13 -10.02 -6.87
N GLN B 344 5.62 -8.81 -6.52
CA GLN B 344 7.04 -8.59 -6.16
C GLN B 344 7.15 -7.72 -4.87
N PRO B 345 7.29 -8.37 -3.71
CA PRO B 345 7.35 -7.62 -2.41
C PRO B 345 8.47 -6.57 -2.24
N ASP B 346 9.60 -6.75 -2.93
CA ASP B 346 10.72 -5.79 -2.87
C ASP B 346 10.42 -4.70 -3.90
N ASN B 347 10.37 -3.45 -3.46
CA ASN B 347 10.12 -2.29 -4.38
C ASN B 347 11.29 -2.04 -5.33
N THR B 348 12.49 -2.46 -4.93
CA THR B 348 13.70 -2.35 -5.70
C THR B 348 14.28 -3.78 -5.83
N PRO B 349 13.54 -4.68 -6.53
CA PRO B 349 13.92 -6.11 -6.57
C PRO B 349 15.12 -6.43 -7.49
N PRO B 350 15.73 -7.63 -7.31
CA PRO B 350 16.87 -8.02 -8.13
C PRO B 350 16.57 -7.95 -9.62
N GLY B 351 17.42 -7.28 -10.38
CA GLY B 351 17.18 -7.10 -11.82
C GLY B 351 16.10 -6.10 -12.19
N GLY B 352 15.49 -5.41 -11.19
CA GLY B 352 14.44 -4.41 -11.43
C GLY B 352 14.98 -3.25 -12.26
N GLU B 353 14.20 -2.82 -13.26
CA GLU B 353 14.65 -1.80 -14.20
C GLU B 353 13.76 -0.61 -14.19
N LEU B 354 14.37 0.57 -14.01
CA LEU B 354 13.70 1.84 -14.15
C LEU B 354 14.02 2.19 -15.61
N VAL B 355 12.97 2.30 -16.43
CA VAL B 355 13.12 2.49 -17.89
C VAL B 355 12.65 3.87 -18.32
N PHE B 356 13.54 4.63 -18.94
CA PHE B 356 13.25 5.97 -19.47
C PHE B 356 13.23 5.84 -21.00
N GLU B 357 12.05 6.01 -21.59
CA GLU B 357 11.83 5.86 -23.04
C GLU B 357 11.58 7.20 -23.70
N LYS B 358 12.31 7.49 -24.79
CA LYS B 358 12.11 8.70 -25.61
C LYS B 358 11.26 8.33 -26.82
N TRP B 359 10.03 8.86 -26.86
CA TRP B 359 9.08 8.67 -27.95
C TRP B 359 8.96 9.95 -28.79
N LYS B 360 8.94 9.80 -30.13
CA LYS B 360 8.72 10.92 -31.04
C LYS B 360 7.31 10.81 -31.60
N ARG B 361 6.52 11.88 -31.45
CA ARG B 361 5.18 11.95 -32.02
C ARG B 361 5.37 12.25 -33.50
N THR B 362 4.83 11.38 -34.36
CA THR B 362 5.00 11.51 -35.83
C THR B 362 4.39 12.77 -36.42
N SER B 363 3.18 13.14 -35.95
CA SER B 363 2.41 14.28 -36.51
C SER B 363 3.13 15.65 -36.45
N ASP B 364 3.97 15.87 -35.43
CA ASP B 364 4.74 17.17 -35.29
C ASP B 364 6.24 17.01 -34.90
N ASN B 365 6.76 15.77 -34.88
CA ASN B 365 8.15 15.47 -34.49
C ASN B 365 8.55 15.99 -33.07
N THR B 366 7.55 16.04 -32.16
CA THR B 366 7.75 16.43 -30.76
C THR B 366 8.21 15.23 -29.94
N ASP B 367 9.20 15.44 -29.07
CA ASP B 367 9.80 14.36 -28.25
C ASP B 367 9.17 14.29 -26.84
N TRP B 368 8.82 13.06 -26.43
CA TRP B 368 8.17 12.79 -25.15
C TRP B 368 8.90 11.67 -24.41
N VAL B 369 8.85 11.72 -23.06
CA VAL B 369 9.52 10.75 -22.20
C VAL B 369 8.53 9.95 -21.37
N GLN B 370 8.57 8.62 -21.50
CA GLN B 370 7.74 7.71 -20.68
C GLN B 370 8.65 6.97 -19.71
N VAL B 371 8.19 6.84 -18.46
CA VAL B 371 8.94 6.19 -17.39
C VAL B 371 8.19 4.94 -16.93
N SER B 372 8.90 3.81 -16.88
CA SER B 372 8.33 2.53 -16.46
C SER B 372 9.23 1.80 -15.49
N PHE B 373 8.66 0.84 -14.77
CA PHE B 373 9.46 -0.08 -13.96
C PHE B 373 9.23 -1.50 -14.48
N VAL B 374 10.28 -2.10 -15.06
CA VAL B 374 10.23 -3.48 -15.60
C VAL B 374 10.94 -4.42 -14.61
N TYR B 375 10.26 -5.52 -14.27
CA TYR B 375 10.71 -6.46 -13.24
C TYR B 375 10.12 -7.85 -13.44
N GLN B 376 10.59 -8.80 -12.64
CA GLN B 376 10.03 -10.15 -12.59
C GLN B 376 9.37 -10.34 -11.27
N THR B 377 8.20 -10.98 -11.28
CA THR B 377 7.52 -11.34 -10.03
C THR B 377 8.39 -12.35 -9.29
N LEU B 378 8.19 -12.46 -7.99
CA LEU B 378 8.97 -13.40 -7.15
C LEU B 378 8.76 -14.86 -7.62
N ARG B 379 7.54 -15.16 -8.02
CA ARG B 379 7.16 -16.45 -8.62
C ARG B 379 7.97 -16.70 -9.91
N ASP B 380 8.05 -15.66 -10.77
CA ASP B 380 8.82 -15.76 -12.04
C ASP B 380 10.35 -15.89 -11.81
N MET B 381 10.84 -15.42 -10.67
CA MET B 381 12.25 -15.61 -10.28
C MET B 381 12.41 -17.05 -9.83
N ARG B 382 11.57 -17.43 -8.87
CA ARG B 382 11.52 -18.80 -8.31
C ARG B 382 11.48 -19.88 -9.36
N ASP B 383 10.61 -19.71 -10.35
CA ASP B 383 10.44 -20.68 -11.46
C ASP B 383 11.38 -20.47 -12.65
N ILE B 384 12.08 -19.32 -12.69
CA ILE B 384 12.91 -18.89 -13.87
C ILE B 384 12.01 -18.97 -15.12
N GLN B 385 10.88 -18.25 -15.03
CA GLN B 385 9.88 -18.20 -16.06
C GLN B 385 10.49 -17.63 -17.35
N PRO B 386 10.43 -18.41 -18.49
CA PRO B 386 10.93 -17.84 -19.76
C PRO B 386 10.09 -16.63 -20.18
N LEU B 387 10.75 -15.50 -20.46
CA LEU B 387 10.04 -14.25 -20.82
C LEU B 387 10.01 -14.01 -22.34
N SER B 388 8.88 -13.49 -22.82
CA SER B 388 8.66 -13.19 -24.24
C SER B 388 7.53 -12.18 -24.37
N LEU B 389 7.13 -11.85 -25.60
CA LEU B 389 5.97 -10.93 -25.80
C LEU B 389 4.63 -11.58 -25.36
N GLU B 390 4.57 -12.92 -25.39
CA GLU B 390 3.38 -13.67 -24.93
C GLU B 390 3.34 -13.83 -23.41
N LYS B 391 4.50 -14.12 -22.81
CA LYS B 391 4.68 -14.23 -21.36
C LYS B 391 5.59 -13.06 -20.94
N PRO B 392 5.03 -11.84 -20.84
CA PRO B 392 5.89 -10.68 -20.60
C PRO B 392 6.36 -10.53 -19.17
N ALA B 393 7.41 -9.73 -19.01
CA ALA B 393 7.91 -9.33 -17.71
C ALA B 393 6.89 -8.38 -17.12
N GLY B 394 6.89 -8.24 -15.80
CA GLY B 394 6.04 -7.27 -15.14
C GLY B 394 6.44 -5.86 -15.59
N LYS B 395 5.46 -4.98 -15.73
CA LYS B 395 5.70 -3.60 -16.12
C LYS B 395 4.65 -2.71 -15.45
N VAL B 396 5.14 -1.71 -14.69
CA VAL B 396 4.32 -0.73 -14.00
C VAL B 396 4.59 0.64 -14.61
N ASP B 397 3.51 1.30 -15.05
CA ASP B 397 3.59 2.63 -15.65
C ASP B 397 3.81 3.65 -14.53
N LEU B 398 4.96 4.34 -14.58
CA LEU B 398 5.29 5.37 -13.57
C LEU B 398 4.83 6.75 -14.07
N LYS B 399 4.44 7.60 -13.10
CA LYS B 399 3.93 8.93 -13.38
CA LYS B 399 3.94 8.94 -13.38
C LYS B 399 4.84 10.03 -12.81
N LEU B 400 5.40 10.85 -13.71
CA LEU B 400 6.22 12.01 -13.34
C LEU B 400 5.24 13.18 -13.31
N ILE B 401 4.57 13.33 -12.17
CA ILE B 401 3.50 14.34 -11.97
C ILE B 401 4.00 15.82 -12.06
N ALA B 402 5.21 16.07 -11.54
CA ALA B 402 5.81 17.43 -11.52
C ALA B 402 6.06 18.09 -12.90
N CYS B 403 6.06 17.28 -13.99
CA CYS B 403 6.24 17.80 -15.37
C CYS B 403 5.20 18.84 -15.74
N GLU B 404 5.63 19.89 -16.43
CA GLU B 404 4.74 20.98 -16.85
C GLU B 404 3.85 20.54 -18.00
N GLU B 405 4.48 20.07 -19.08
CA GLU B 405 3.81 19.68 -20.31
C GLU B 405 3.66 18.15 -20.35
N LYS B 406 2.40 17.68 -20.47
CA LYS B 406 2.08 16.25 -20.56
C LYS B 406 1.30 15.89 -21.85
N ASN B 407 1.45 14.64 -22.29
CA ASN B 407 0.67 14.04 -23.40
C ASN B 407 -0.73 13.67 -22.99
N SER B 408 -1.54 13.28 -23.98
CA SER B 408 -2.86 12.69 -23.74
C SER B 408 -2.67 11.29 -23.12
N GLN B 409 -1.56 10.62 -23.52
CA GLN B 409 -1.16 9.32 -22.98
C GLN B 409 -0.16 9.43 -21.74
N GLY B 410 -0.14 10.57 -21.04
CA GLY B 410 0.63 10.74 -19.78
C GLY B 410 2.15 10.97 -19.81
N MET B 411 2.74 10.99 -21.00
CA MET B 411 4.19 11.18 -21.15
C MET B 411 4.61 12.63 -20.96
N CYS B 412 5.75 12.83 -20.31
CA CYS B 412 6.30 14.15 -20.09
CA CYS B 412 6.34 14.17 -20.11
C CYS B 412 6.93 14.62 -21.40
N SER B 413 6.93 15.94 -21.65
CA SER B 413 7.59 16.47 -22.86
C SER B 413 9.09 16.40 -22.56
N LEU B 414 9.90 16.30 -23.60
CA LEU B 414 11.36 16.19 -23.46
C LEU B 414 11.96 17.34 -22.62
N LYS B 415 11.57 18.60 -22.92
CA LYS B 415 12.09 19.77 -22.18
CA LYS B 415 12.11 19.77 -22.17
C LYS B 415 11.55 19.82 -20.74
N SER B 416 10.29 19.40 -20.54
CA SER B 416 9.68 19.31 -19.18
C SER B 416 10.43 18.27 -18.33
N PHE B 417 10.78 17.14 -18.96
CA PHE B 417 11.56 16.10 -18.30
C PHE B 417 12.93 16.64 -17.90
N SER B 418 13.63 17.24 -18.87
CA SER B 418 14.96 17.82 -18.64
C SER B 418 14.95 18.93 -17.57
N ARG B 419 13.94 19.80 -17.61
CA ARG B 419 13.82 20.92 -16.64
C ARG B 419 13.52 20.43 -15.22
N LEU B 420 12.80 19.31 -15.09
CA LEU B 420 12.56 18.68 -13.78
C LEU B 420 13.87 18.16 -13.18
N ILE B 421 14.74 17.63 -14.07
CA ILE B 421 16.09 17.17 -13.68
C ILE B 421 16.95 18.35 -13.21
N LYS B 422 16.83 19.52 -13.88
CA LYS B 422 17.55 20.73 -13.44
C LYS B 422 17.14 21.19 -12.04
N GLU B 423 15.84 21.12 -11.76
CA GLU B 423 15.30 21.57 -10.48
C GLU B 423 15.77 20.70 -9.31
N ILE B 424 15.70 19.39 -9.48
CA ILE B 424 16.05 18.44 -8.42
C ILE B 424 17.58 18.20 -8.23
N ARG B 425 18.38 18.33 -9.28
CA ARG B 425 19.83 18.02 -9.20
C ARG B 425 20.60 18.93 -8.23
N VAL B 426 21.65 18.36 -7.62
CA VAL B 426 22.52 19.08 -6.71
C VAL B 426 23.82 19.31 -7.50
N PRO B 427 24.10 20.58 -7.95
CA PRO B 427 25.28 20.84 -8.82
C PRO B 427 26.65 20.44 -8.21
N GLU B 428 26.76 20.52 -6.89
CA GLU B 428 27.96 20.10 -6.17
C GLU B 428 28.26 18.58 -6.30
N CYS B 429 27.23 17.77 -6.59
CA CYS B 429 27.37 16.28 -6.70
C CYS B 429 27.57 15.76 -8.12
N ALA B 430 27.80 16.67 -9.09
CA ALA B 430 28.06 16.29 -10.48
C ALA B 430 29.41 15.59 -10.61
N VAL B 431 29.50 14.70 -11.59
CA VAL B 431 30.75 13.99 -11.89
C VAL B 431 31.38 14.65 -13.12
N THR B 432 32.39 15.50 -12.89
CA THR B 432 33.10 16.26 -13.96
C THR B 432 34.46 15.65 -14.38
N GLU B 433 34.65 14.33 -14.15
CA GLU B 433 35.91 13.64 -14.51
CA GLU B 433 35.89 13.63 -14.49
C GLU B 433 35.84 13.16 -15.95
#